data_6LO8
#
_entry.id   6LO8
#
_cell.length_a   1.00
_cell.length_b   1.00
_cell.length_c   1.00
_cell.angle_alpha   90.00
_cell.angle_beta   90.00
_cell.angle_gamma   90.00
#
_symmetry.space_group_name_H-M   'P 1'
#
loop_
_entity.id
_entity.type
_entity.pdbx_description
1 polymer 'Mitochondrial import inner membrane translocase subunit TIM22'
2 polymer 'Mitochondrial import inner membrane translocase subunit TIM54'
3 polymer 'Succinate dehydrogenase [ubiquinone] cytochrome b subunit, mitochondrial'
4 polymer 'Mitochondrial import inner membrane translocase subunit TIM18'
5 polymer 'Mitochondrial import inner membrane translocase subunit TIM9'
6 polymer 'Mitochondrial import inner membrane translocase subunit TIM12'
7 polymer 'Mitochondrial import inner membrane translocase subunit TIM10'
#
loop_
_entity_poly.entity_id
_entity_poly.type
_entity_poly.pdbx_seq_one_letter_code
_entity_poly.pdbx_strand_id
1 'polypeptide(L)'
;MVYTGFGLEQISPAQKKPYNELTPEEQGERGAEMIMNFMTSCPGKSVVSGVTGFALGGVLGLFMASMAYDTPLHTPTPAN
TAATATAGNIGVGGISRTVQQISDLPFRQQMKLQFTDMGKKSYSSAKNFGYIGMIYAGVECVIESLRAKNDIYNGVTAGF
FTGAGLAYKAGPQAALMGGAGFAAFSAAIDLYMKSEDGRPPQNDFK
;
A
2 'polypeptide(L)'
;MSSESGKPIAKPIRKPGYTNPALKALGIPALRLPSRNWMIFWSVLTVSIGGIAYDKYKQRQILSHATDLVKPLAEESMEV
DKVPRKITVFIAPPPNDYLESSLKVWRRYVKPVLYYAGLDYELVQEDRQGIIRTNVANRIRELRKEILASTDGQPVKEPN
QTVAKPSGSSTSKISSLLPFNKIIQDPAEEDDSFDPEIGKKFKENFDWRNVIGIFYTMPKPKHIISEDALTKDPILSGGV
ICLGRGAYKEYIAGIHEGLLGPIEKTEKTGSTEPKMTGVVEANQIESKVSESGATELVDAEKETALEEAKVQDDLKVDEE
NSSEDSQKFLKPFISSDQYPDLQIASELQTPNGEFIRNPNTNIPLLINQPLLVIPIPNLIGFTTIPRRIHRFYQKRFYVE
DVCSSVVNCVRQTRIRPFDIAKDIDLAKDEEKDWPQNWVKQGKEKNSEWTQELVCDPRITKHMFVYEKPPKEEPESDI
;
B
3 'polypeptide(L)'
;MSAMMVKLGLNKSALLLKPSAFSRAAALSSSRRLLFNTARTNFLSTSPLKNVASEMNTKAAIAEEQILNKQRAKRPISPH
LTIYQPQLTWYLSSLHRISLVLMGLGFYLFTILFGVSGLLGLGLTTEKVSNWYHQKFSKITEWSIKGSFAYLFAIHYGGA
IRHLIWDTAKELTLKGVYRTGYALIGFTAVLGTYLLTL
;
C
4 'polypeptide(L)'
;MLLFPGLKPVLNASTVIVNPVRAVFPGLVLSTKRSFYSINRLNAENKINDIANTSKEASSSVQMFKPPEFSQFKDSYQKD
YERIAKYTLIPLTMVPFYASFTGGVINPLLDASLSSIFLIYLQYGFTSCIIDYIPKEKYPRWHKLALYCLYGGSMLSLYG
IYELETKNNGFVDLVKKLWNENDDHLYIFGRN
;
D
5 'polypeptide(L)'
;MDALNSKEQQEFQKVVEQKQMKDFMRLYSNLVERCFTDCVNDFTTSKLTNKEQTCIMKCSEKFLKHSERVGQRFQEQNAA
LGQGLGR
;
E,G,I
6 'polypeptide(L)'
;MSFFLNSLRGNQEVSQEKLDVAGVQFDAMCSTFNNILSTCLEKCIPHEGFGEPDLTKGEQCCIDRCVAKMHYSNRLIGGF
VQTRGFGPENQLRHYSRFVAKEIADDSKK
;
F
7 'polypeptide(L)'
;MSFLGFGGGQPQLSSQQKIQAAEAELDLVTDMFNKLVNNCYKKCINTSYSEGELNKNESSCLDRCVAKYFETNVQVGENM
QKMGQSFNAAGKF
;
H,J
#
# COMPACT_ATOMS: atom_id res chain seq x y z
N PRO A 24 20.39 -35.48 -10.75
CA PRO A 24 19.29 -36.28 -11.32
C PRO A 24 17.98 -35.53 -11.31
N GLU A 25 17.81 -34.68 -10.29
CA GLU A 25 16.62 -33.86 -10.15
C GLU A 25 16.88 -32.38 -10.31
N GLU A 26 18.14 -31.97 -10.42
CA GLU A 26 18.50 -30.56 -10.53
C GLU A 26 17.98 -29.95 -11.83
N GLN A 27 18.15 -30.66 -12.94
CA GLN A 27 17.64 -30.17 -14.23
C GLN A 27 16.11 -30.18 -14.24
N GLY A 28 15.49 -31.12 -13.55
CA GLY A 28 14.03 -31.15 -13.48
C GLY A 28 13.45 -29.99 -12.69
N GLU A 29 14.04 -29.69 -11.52
CA GLU A 29 13.54 -28.57 -10.73
C GLU A 29 13.90 -27.23 -11.38
N ARG A 30 15.02 -27.16 -12.11
CA ARG A 30 15.34 -25.95 -12.86
C ARG A 30 14.39 -25.78 -14.02
N GLY A 31 13.97 -26.88 -14.66
CA GLY A 31 12.98 -26.78 -15.72
C GLY A 31 11.61 -26.39 -15.22
N ALA A 32 11.24 -26.85 -14.02
CA ALA A 32 9.99 -26.42 -13.41
C ALA A 32 10.02 -24.93 -13.06
N GLU A 33 11.14 -24.46 -12.51
CA GLU A 33 11.27 -23.04 -12.22
C GLU A 33 11.29 -22.19 -13.49
N MET A 34 11.91 -22.71 -14.56
CA MET A 34 11.95 -21.96 -15.81
C MET A 34 10.60 -21.95 -16.51
N ILE A 35 9.80 -23.00 -16.36
CA ILE A 35 8.48 -22.95 -16.96
C ILE A 35 7.53 -22.08 -16.13
N MET A 36 7.79 -21.96 -14.81
CA MET A 36 7.03 -20.98 -14.02
C MET A 36 7.40 -19.55 -14.43
N ASN A 37 8.69 -19.30 -14.63
CA ASN A 37 9.14 -17.96 -15.06
C ASN A 37 8.65 -17.63 -16.46
N PHE A 38 8.61 -18.61 -17.37
CA PHE A 38 8.14 -18.36 -18.71
C PHE A 38 6.63 -18.24 -18.79
N MET A 39 5.90 -18.88 -17.88
CA MET A 39 4.46 -18.72 -17.85
C MET A 39 4.03 -17.47 -17.10
N THR A 40 4.91 -16.87 -16.28
CA THR A 40 4.51 -15.73 -15.48
C THR A 40 5.14 -14.41 -15.90
N SER A 41 6.48 -14.31 -15.94
CA SER A 41 7.17 -13.02 -15.83
C SER A 41 7.27 -12.28 -17.18
N CYS A 42 6.11 -12.17 -17.81
CA CYS A 42 5.83 -11.37 -19.02
C CYS A 42 6.20 -11.83 -20.41
N PRO A 43 6.79 -13.03 -20.52
CA PRO A 43 7.06 -13.49 -21.89
C PRO A 43 5.78 -14.27 -22.12
N GLY A 44 5.39 -15.04 -21.09
CA GLY A 44 4.19 -15.83 -21.06
C GLY A 44 2.97 -14.93 -21.13
N LYS A 45 3.02 -13.78 -20.48
CA LYS A 45 1.90 -12.85 -20.50
C LYS A 45 1.62 -12.36 -21.91
N SER A 46 2.67 -12.12 -22.68
CA SER A 46 2.54 -11.69 -24.06
C SER A 46 1.96 -12.64 -25.11
N VAL A 47 2.26 -13.93 -24.98
CA VAL A 47 1.96 -14.94 -25.99
C VAL A 47 0.69 -15.71 -25.68
N VAL A 48 0.35 -15.87 -24.39
CA VAL A 48 -0.88 -16.57 -24.04
C VAL A 48 -2.09 -15.73 -24.40
N SER A 49 -2.04 -14.43 -24.11
CA SER A 49 -3.11 -13.55 -24.55
C SER A 49 -3.09 -13.33 -26.05
N GLY A 50 -1.94 -13.51 -26.69
CA GLY A 50 -1.88 -13.45 -28.14
C GLY A 50 -2.61 -14.61 -28.80
N VAL A 51 -2.36 -15.84 -28.34
CA VAL A 51 -3.07 -16.97 -28.90
C VAL A 51 -4.54 -16.97 -28.45
N THR A 52 -4.84 -16.35 -27.31
CA THR A 52 -6.23 -16.18 -26.89
C THR A 52 -6.98 -15.24 -27.82
N GLY A 53 -6.37 -14.10 -28.15
CA GLY A 53 -6.95 -13.20 -29.14
C GLY A 53 -7.02 -13.79 -30.52
N PHE A 54 -6.06 -14.65 -30.87
CA PHE A 54 -6.09 -15.35 -32.16
C PHE A 54 -7.27 -16.32 -32.24
N ALA A 55 -7.49 -17.10 -31.17
CA ALA A 55 -8.62 -18.02 -31.15
C ALA A 55 -9.95 -17.27 -31.10
N LEU A 56 -10.00 -16.14 -30.39
CA LEU A 56 -11.25 -15.38 -30.31
C LEU A 56 -11.55 -14.68 -31.62
N GLY A 57 -10.51 -14.25 -32.35
CA GLY A 57 -10.73 -13.70 -33.68
C GLY A 57 -11.14 -14.77 -34.68
N GLY A 58 -10.62 -15.99 -34.52
CA GLY A 58 -11.09 -17.09 -35.34
C GLY A 58 -12.53 -17.49 -35.03
N VAL A 59 -12.96 -17.30 -33.79
CA VAL A 59 -14.36 -17.50 -33.44
C VAL A 59 -15.23 -16.41 -34.06
N LEU A 60 -14.81 -15.15 -33.93
CA LEU A 60 -15.58 -14.03 -34.46
C LEU A 60 -15.57 -13.97 -35.99
N GLY A 61 -14.61 -14.64 -36.63
CA GLY A 61 -14.59 -14.71 -38.08
C GLY A 61 -15.72 -15.52 -38.68
N LEU A 62 -16.35 -16.40 -37.88
CA LEU A 62 -17.58 -17.05 -38.31
C LEU A 62 -18.69 -16.04 -38.51
N PHE A 63 -18.79 -15.05 -37.63
CA PHE A 63 -19.75 -13.96 -37.81
C PHE A 63 -19.26 -12.94 -38.82
N MET A 64 -17.94 -12.81 -38.99
CA MET A 64 -17.41 -11.83 -39.92
C MET A 64 -17.60 -12.28 -41.37
N ALA A 65 -17.39 -13.56 -41.65
CA ALA A 65 -17.59 -14.08 -43.00
C ALA A 65 -19.07 -14.30 -43.32
N SER A 66 -19.95 -14.25 -42.33
CA SER A 66 -21.37 -14.43 -42.55
C SER A 66 -22.03 -13.13 -42.99
N LYS A 120 -9.86 -15.56 -45.94
CA LYS A 120 -8.90 -14.51 -45.61
C LYS A 120 -9.51 -13.52 -44.63
N LYS A 121 -10.84 -13.46 -44.58
CA LYS A 121 -11.53 -12.56 -43.68
C LYS A 121 -11.37 -13.01 -42.23
N SER A 122 -11.59 -14.32 -41.98
CA SER A 122 -11.41 -14.87 -40.64
C SER A 122 -9.94 -14.83 -40.23
N TYR A 123 -9.03 -15.03 -41.19
CA TYR A 123 -7.60 -14.93 -40.89
C TYR A 123 -7.20 -13.51 -40.51
N SER A 124 -7.74 -12.51 -41.23
CA SER A 124 -7.41 -11.12 -40.91
C SER A 124 -8.03 -10.69 -39.58
N SER A 125 -9.23 -11.17 -39.28
CA SER A 125 -9.84 -10.86 -37.99
C SER A 125 -9.11 -11.54 -36.84
N ALA A 126 -8.65 -12.78 -37.05
CA ALA A 126 -7.88 -13.47 -36.02
C ALA A 126 -6.53 -12.83 -35.82
N LYS A 127 -5.88 -12.38 -36.90
CA LYS A 127 -4.62 -11.65 -36.80
C LYS A 127 -4.81 -10.33 -36.06
N ASN A 128 -5.90 -9.63 -36.34
CA ASN A 128 -6.17 -8.34 -35.68
C ASN A 128 -6.42 -8.52 -34.20
N PHE A 129 -7.25 -9.50 -33.83
CA PHE A 129 -7.56 -9.68 -32.41
C PHE A 129 -6.41 -10.31 -31.65
N GLY A 130 -5.60 -11.15 -32.30
CA GLY A 130 -4.39 -11.63 -31.67
C GLY A 130 -3.37 -10.52 -31.46
N TYR A 131 -3.26 -9.60 -32.44
CA TYR A 131 -2.43 -8.41 -32.28
C TYR A 131 -2.89 -7.57 -31.11
N ILE A 132 -4.21 -7.34 -31.01
CA ILE A 132 -4.78 -6.52 -29.95
C ILE A 132 -4.49 -7.13 -28.58
N GLY A 133 -4.78 -8.43 -28.43
CA GLY A 133 -4.58 -9.08 -27.15
C GLY A 133 -3.12 -9.16 -26.75
N MET A 134 -2.25 -9.49 -27.71
CA MET A 134 -0.83 -9.63 -27.41
C MET A 134 -0.19 -8.30 -27.05
N ILE A 135 -0.48 -7.23 -27.81
CA ILE A 135 0.19 -5.98 -27.50
C ILE A 135 -0.42 -5.33 -26.26
N TYR A 136 -1.71 -5.58 -25.97
CA TYR A 136 -2.30 -5.00 -24.77
C TYR A 136 -1.75 -5.67 -23.53
N ALA A 137 -1.71 -7.00 -23.51
CA ALA A 137 -1.20 -7.69 -22.33
C ALA A 137 0.32 -7.52 -22.19
N GLY A 138 1.03 -7.39 -23.31
CA GLY A 138 2.46 -7.17 -23.23
C GLY A 138 2.82 -5.78 -22.72
N VAL A 139 2.16 -4.75 -23.24
CA VAL A 139 2.43 -3.40 -22.77
C VAL A 139 1.95 -3.22 -21.34
N GLU A 140 0.85 -3.89 -20.97
CA GLU A 140 0.41 -3.86 -19.57
C GLU A 140 1.41 -4.55 -18.65
N CYS A 141 1.91 -5.73 -19.03
CA CYS A 141 2.82 -6.46 -18.16
C CYS A 141 4.21 -5.81 -18.12
N VAL A 142 4.55 -5.01 -19.13
CA VAL A 142 5.83 -4.30 -19.08
C VAL A 142 5.70 -2.94 -18.39
N ILE A 143 4.51 -2.34 -18.35
CA ILE A 143 4.32 -1.14 -17.55
C ILE A 143 4.19 -1.52 -16.08
N GLU A 144 3.59 -2.67 -15.79
CA GLU A 144 3.39 -3.08 -14.41
C GLU A 144 4.63 -3.70 -13.80
N SER A 145 5.53 -4.27 -14.61
CA SER A 145 6.83 -4.64 -14.07
C SER A 145 7.67 -3.40 -13.79
N LEU A 146 7.44 -2.34 -14.55
CA LEU A 146 7.90 -1.00 -14.22
C LEU A 146 6.97 -0.43 -13.14
N ARG A 147 7.29 0.79 -12.69
CA ARG A 147 6.38 1.68 -11.96
C ARG A 147 5.99 1.20 -10.55
N ALA A 148 6.33 -0.05 -10.21
CA ALA A 148 6.21 -0.63 -8.85
C ALA A 148 4.80 -0.52 -8.26
N LYS A 149 3.78 -0.46 -9.11
CA LYS A 149 2.43 -0.19 -8.66
C LYS A 149 1.49 -1.16 -9.34
N ASN A 150 0.23 -1.15 -8.91
CA ASN A 150 -0.81 -1.99 -9.48
C ASN A 150 -2.13 -1.22 -9.57
N ASP A 151 -2.07 0.02 -10.04
CA ASP A 151 -3.22 0.89 -10.02
C ASP A 151 -3.65 1.25 -11.44
N ILE A 152 -4.64 2.14 -11.53
CA ILE A 152 -5.08 2.73 -12.79
C ILE A 152 -4.08 3.82 -13.14
N TYR A 153 -4.17 4.35 -14.38
CA TYR A 153 -3.19 5.03 -15.25
C TYR A 153 -2.31 3.97 -15.92
N ASN A 154 -2.57 2.69 -15.66
CA ASN A 154 -1.93 1.61 -16.40
C ASN A 154 -2.65 1.35 -17.71
N GLY A 155 -3.94 1.05 -17.64
CA GLY A 155 -4.70 0.69 -18.83
C GLY A 155 -4.89 1.85 -19.78
N VAL A 156 -4.93 3.09 -19.26
CA VAL A 156 -5.11 4.25 -20.13
C VAL A 156 -3.87 4.58 -20.94
N THR A 157 -2.73 3.97 -20.63
CA THR A 157 -1.57 4.03 -21.51
C THR A 157 -1.35 2.74 -22.28
N ALA A 158 -1.71 1.59 -21.70
CA ALA A 158 -1.58 0.32 -22.40
C ALA A 158 -2.51 0.25 -23.60
N GLY A 159 -3.79 0.61 -23.41
CA GLY A 159 -4.71 0.69 -24.53
C GLY A 159 -4.39 1.81 -25.49
N PHE A 160 -3.78 2.89 -24.99
CA PHE A 160 -3.38 3.99 -25.85
C PHE A 160 -2.28 3.55 -26.81
N PHE A 161 -1.24 2.90 -26.29
CA PHE A 161 -0.19 2.38 -27.16
C PHE A 161 -0.66 1.20 -27.99
N THR A 162 -1.67 0.45 -27.52
CA THR A 162 -2.26 -0.60 -28.34
C THR A 162 -2.98 -0.03 -29.56
N GLY A 163 -3.82 0.99 -29.33
CA GLY A 163 -4.49 1.64 -30.44
C GLY A 163 -3.54 2.33 -31.40
N ALA A 164 -2.47 2.91 -30.86
CA ALA A 164 -1.44 3.53 -31.71
C ALA A 164 -0.73 2.49 -32.55
N GLY A 165 -0.24 1.42 -31.93
CA GLY A 165 0.46 0.36 -32.65
C GLY A 165 -0.41 -0.44 -33.59
N LEU A 166 -1.73 -0.41 -33.40
CA LEU A 166 -2.61 -1.09 -34.34
C LEU A 166 -3.06 -0.20 -35.49
N ALA A 167 -3.64 0.96 -35.19
CA ALA A 167 -3.97 1.90 -36.26
C ALA A 167 -2.86 2.92 -36.46
N TYR A 168 -1.63 2.43 -36.52
CA TYR A 168 -0.46 3.22 -36.85
C TYR A 168 -0.24 3.40 -38.33
N LYS A 169 -0.71 2.47 -39.16
CA LYS A 169 -0.37 2.48 -40.58
C LYS A 169 -1.12 3.54 -41.37
N ALA A 170 -2.04 4.28 -40.75
CA ALA A 170 -2.81 5.29 -41.48
C ALA A 170 -3.08 6.47 -40.55
N GLY A 171 -2.33 7.55 -40.76
CA GLY A 171 -2.64 8.82 -40.13
C GLY A 171 -2.10 8.96 -38.73
N PRO A 172 -1.45 10.09 -38.44
CA PRO A 172 -1.04 10.38 -37.06
C PRO A 172 -2.22 10.78 -36.19
N GLN A 173 -3.12 11.60 -36.74
CA GLN A 173 -4.32 12.00 -35.99
C GLN A 173 -5.26 10.83 -35.82
N ALA A 174 -5.34 9.95 -36.82
CA ALA A 174 -6.15 8.74 -36.68
C ALA A 174 -5.55 7.78 -35.68
N ALA A 175 -4.22 7.70 -35.60
CA ALA A 175 -3.58 6.88 -34.57
C ALA A 175 -3.83 7.45 -33.19
N LEU A 176 -3.81 8.79 -33.05
CA LEU A 176 -4.10 9.42 -31.78
C LEU A 176 -5.55 9.19 -31.36
N MET A 177 -6.49 9.30 -32.30
CA MET A 177 -7.90 9.10 -31.96
C MET A 177 -8.19 7.63 -31.66
N GLY A 178 -7.53 6.71 -32.36
CA GLY A 178 -7.71 5.30 -32.07
C GLY A 178 -7.12 4.90 -30.73
N GLY A 179 -5.94 5.45 -30.40
CA GLY A 179 -5.37 5.21 -29.08
C GLY A 179 -6.20 5.82 -27.97
N ALA A 180 -6.78 7.01 -28.20
CA ALA A 180 -7.64 7.63 -27.19
C ALA A 180 -8.93 6.86 -26.99
N GLY A 181 -9.53 6.38 -28.08
CA GLY A 181 -10.74 5.57 -27.95
C GLY A 181 -10.49 4.24 -27.29
N PHE A 182 -9.39 3.58 -27.63
CA PHE A 182 -9.08 2.31 -26.98
C PHE A 182 -8.66 2.51 -25.53
N ALA A 183 -8.06 3.66 -25.20
CA ALA A 183 -7.73 3.97 -23.82
C ALA A 183 -8.98 4.22 -23.00
N ALA A 184 -9.96 4.92 -23.58
CA ALA A 184 -11.23 5.13 -22.88
C ALA A 184 -12.00 3.83 -22.72
N PHE A 185 -11.92 2.94 -23.71
CA PHE A 185 -12.59 1.65 -23.59
C PHE A 185 -11.93 0.77 -22.53
N SER A 186 -10.59 0.75 -22.49
CA SER A 186 -9.89 -0.03 -21.48
C SER A 186 -10.08 0.57 -20.09
N ALA A 187 -10.20 1.90 -20.00
CA ALA A 187 -10.48 2.54 -18.72
C ALA A 187 -11.90 2.23 -18.24
N ALA A 188 -12.86 2.15 -19.16
CA ALA A 188 -14.21 1.78 -18.76
C ALA A 188 -14.29 0.32 -18.33
N ILE A 189 -13.55 -0.56 -19.01
CA ILE A 189 -13.52 -1.97 -18.64
C ILE A 189 -12.84 -2.15 -17.29
N ASP A 190 -11.74 -1.43 -17.05
CA ASP A 190 -11.05 -1.51 -15.76
C ASP A 190 -11.82 -0.84 -14.64
N LEU A 191 -12.65 0.17 -14.95
CA LEU A 191 -13.52 0.75 -13.94
C LEU A 191 -14.72 -0.15 -13.65
N TYR A 192 -15.13 -0.98 -14.60
CA TYR A 192 -16.16 -1.96 -14.29
C TYR A 192 -15.61 -3.10 -13.46
N MET A 193 -14.43 -3.62 -13.82
CA MET A 193 -13.86 -4.74 -13.09
C MET A 193 -13.19 -4.31 -11.79
N LYS A 194 -12.91 -3.02 -11.63
CA LYS A 194 -12.14 -2.53 -10.49
C LYS A 194 -13.02 -1.92 -9.41
N SER A 195 -14.18 -1.35 -9.77
CA SER A 195 -15.08 -0.76 -8.76
C SER A 195 -16.03 -1.81 -8.19
N GLU A 196 -15.44 -2.92 -7.75
CA GLU A 196 -16.07 -3.89 -6.87
C GLU A 196 -15.12 -4.38 -5.80
N ASP A 197 -13.81 -4.23 -6.00
CA ASP A 197 -12.80 -4.58 -5.02
C ASP A 197 -12.08 -3.36 -4.46
N GLY A 198 -12.68 -2.18 -4.57
CA GLY A 198 -12.03 -0.95 -4.14
C GLY A 198 -11.85 -0.84 -2.65
N ARG A 199 -12.95 -0.70 -1.91
CA ARG A 199 -12.94 -0.67 -0.47
C ARG A 199 -14.35 -0.94 0.05
N PRO A 200 -14.51 -1.90 0.96
CA PRO A 200 -15.75 -2.00 1.73
C PRO A 200 -16.01 -0.72 2.51
N PRO A 201 -17.14 -0.08 2.30
CA PRO A 201 -17.37 1.27 2.82
C PRO A 201 -17.71 1.23 4.30
N GLN A 202 -18.00 2.41 4.83
CA GLN A 202 -18.42 2.52 6.22
C GLN A 202 -19.90 2.22 6.40
N ASN A 203 -20.65 2.06 5.31
CA ASN A 203 -22.08 1.83 5.36
C ASN A 203 -22.53 1.26 4.03
N ASP A 204 -23.34 0.20 4.09
CA ASP A 204 -23.92 -0.40 2.89
C ASP A 204 -25.32 0.15 2.62
N PHE A 205 -25.38 1.45 2.37
CA PHE A 205 -26.66 2.13 2.20
C PHE A 205 -26.92 2.42 0.72
N ARG B 36 -35.87 18.17 -35.86
CA ARG B 36 -36.80 18.02 -34.75
C ARG B 36 -36.72 16.62 -34.15
N ASN B 37 -36.18 15.69 -34.94
CA ASN B 37 -36.08 14.30 -34.49
C ASN B 37 -35.10 14.16 -33.34
N TRP B 38 -33.85 14.60 -33.52
CA TRP B 38 -32.87 14.56 -32.44
C TRP B 38 -33.25 15.52 -31.32
N MET B 39 -33.95 16.61 -31.66
CA MET B 39 -34.39 17.58 -30.65
C MET B 39 -35.38 16.95 -29.68
N ILE B 40 -36.42 16.30 -30.20
CA ILE B 40 -37.38 15.65 -29.31
C ILE B 40 -36.81 14.38 -28.69
N PHE B 41 -35.80 13.76 -29.34
CA PHE B 41 -35.12 12.60 -28.76
C PHE B 41 -34.37 12.97 -27.50
N TRP B 42 -33.50 13.99 -27.60
CA TRP B 42 -32.79 14.48 -26.42
C TRP B 42 -33.71 15.16 -25.43
N SER B 43 -34.86 15.69 -25.89
CA SER B 43 -35.83 16.28 -24.96
C SER B 43 -36.45 15.22 -24.06
N VAL B 44 -36.96 14.13 -24.64
CA VAL B 44 -37.56 13.09 -23.80
C VAL B 44 -36.49 12.36 -22.99
N LEU B 45 -35.26 12.26 -23.53
CA LEU B 45 -34.17 11.68 -22.77
C LEU B 45 -33.81 12.53 -21.55
N THR B 46 -33.72 13.85 -21.73
CA THR B 46 -33.34 14.69 -20.61
C THR B 46 -34.48 14.89 -19.62
N VAL B 47 -35.75 14.75 -20.02
CA VAL B 47 -36.78 14.83 -18.99
C VAL B 47 -36.87 13.52 -18.21
N SER B 48 -36.58 12.36 -18.84
CA SER B 48 -36.53 11.12 -18.09
C SER B 48 -35.37 11.12 -17.10
N ILE B 49 -34.18 11.53 -17.57
CA ILE B 49 -33.01 11.57 -16.69
C ILE B 49 -33.16 12.67 -15.63
N GLY B 50 -33.87 13.76 -15.94
CA GLY B 50 -34.13 14.78 -14.94
C GLY B 50 -35.08 14.32 -13.87
N GLY B 51 -36.11 13.56 -14.23
CA GLY B 51 -36.97 12.95 -13.22
C GLY B 51 -36.25 11.95 -12.35
N ILE B 52 -35.36 11.15 -12.94
CA ILE B 52 -34.60 10.16 -12.17
C ILE B 52 -33.65 10.85 -11.20
N ALA B 53 -32.93 11.87 -11.68
CA ALA B 53 -32.02 12.61 -10.84
C ALA B 53 -32.76 13.41 -9.77
N TYR B 54 -33.98 13.87 -10.06
CA TYR B 54 -34.76 14.58 -9.05
C TYR B 54 -35.25 13.63 -7.96
N ASP B 55 -35.66 12.41 -8.34
CA ASP B 55 -36.08 11.43 -7.35
C ASP B 55 -34.91 11.00 -6.45
N LYS B 56 -33.75 10.73 -7.05
CA LYS B 56 -32.61 10.32 -6.23
C LYS B 56 -32.04 11.48 -5.42
N TYR B 57 -32.16 12.71 -5.93
CA TYR B 57 -31.76 13.87 -5.15
C TYR B 57 -32.69 14.09 -3.96
N LYS B 58 -33.98 13.81 -4.13
CA LYS B 58 -34.89 13.94 -2.99
C LYS B 58 -34.67 12.82 -1.98
N GLN B 59 -34.33 11.61 -2.45
CA GLN B 59 -33.94 10.54 -1.54
C GLN B 59 -32.69 10.90 -0.74
N ARG B 60 -31.75 11.61 -1.39
CA ARG B 60 -30.60 12.13 -0.66
C ARG B 60 -31.00 13.28 0.26
N GLN B 61 -32.07 14.00 -0.09
CA GLN B 61 -32.52 15.12 0.72
C GLN B 61 -33.13 14.67 2.03
N ILE B 62 -33.80 13.51 2.05
CA ILE B 62 -34.32 12.96 3.31
C ILE B 62 -33.21 12.59 4.30
N LEU B 63 -31.96 12.47 3.84
CA LEU B 63 -30.85 12.30 4.77
C LEU B 63 -30.57 13.54 5.61
N SER B 64 -31.13 14.71 5.25
CA SER B 64 -31.11 15.84 6.17
C SER B 64 -31.93 15.56 7.41
N HIS B 65 -33.06 14.86 7.25
CA HIS B 65 -33.84 14.49 8.42
C HIS B 65 -33.24 13.27 9.11
N ALA B 66 -32.47 12.46 8.37
CA ALA B 66 -31.62 11.50 9.05
C ALA B 66 -30.58 12.18 9.94
N THR B 67 -30.04 13.31 9.48
CA THR B 67 -29.12 14.09 10.31
C THR B 67 -29.83 14.76 11.48
N ASP B 68 -31.09 15.13 11.27
CA ASP B 68 -31.98 15.54 12.37
C ASP B 68 -32.11 14.43 13.41
N LEU B 69 -32.06 13.17 12.98
CA LEU B 69 -32.02 12.08 13.95
C LEU B 69 -30.60 11.84 14.48
N VAL B 70 -29.58 12.32 13.77
CA VAL B 70 -28.22 12.26 14.33
C VAL B 70 -28.08 13.23 15.50
N LYS B 71 -28.90 14.29 15.53
CA LYS B 71 -28.85 15.23 16.65
C LYS B 71 -29.17 14.63 18.04
N PRO B 72 -30.13 13.70 18.22
CA PRO B 72 -30.22 13.07 19.56
C PRO B 72 -29.23 11.95 19.81
N LEU B 73 -28.37 11.60 18.86
CA LEU B 73 -27.39 10.53 19.08
C LEU B 73 -26.36 10.92 20.13
N ALA B 74 -25.90 12.17 20.10
CA ALA B 74 -24.77 12.61 20.92
C ALA B 74 -25.19 12.70 22.39
N GLU B 75 -25.27 11.54 23.02
CA GLU B 75 -25.63 11.42 24.43
C GLU B 75 -24.71 10.38 25.08
N GLU B 76 -24.40 10.62 26.35
CA GLU B 76 -23.42 9.80 27.05
C GLU B 76 -24.03 8.47 27.46
N SER B 77 -23.53 7.39 26.87
CA SER B 77 -23.82 6.08 27.42
C SER B 77 -22.79 5.73 28.48
N MET B 78 -23.20 4.87 29.41
CA MET B 78 -22.33 4.48 30.51
C MET B 78 -21.36 3.41 30.00
N GLU B 79 -20.41 3.01 30.83
CA GLU B 79 -19.29 2.19 30.40
C GLU B 79 -19.69 0.73 30.25
N VAL B 80 -20.05 0.09 31.36
CA VAL B 80 -20.19 -1.36 31.42
C VAL B 80 -21.66 -1.77 31.50
N ASP B 81 -22.49 -0.96 32.17
CA ASP B 81 -23.85 -1.39 32.44
C ASP B 81 -24.75 -1.24 31.21
N LYS B 82 -24.74 -0.07 30.58
CA LYS B 82 -25.78 0.24 29.61
C LYS B 82 -25.46 -0.38 28.25
N VAL B 83 -26.30 -1.34 27.86
CA VAL B 83 -26.36 -1.84 26.49
C VAL B 83 -27.60 -1.22 25.87
N PRO B 84 -27.50 -0.55 24.70
CA PRO B 84 -28.59 0.32 24.25
C PRO B 84 -29.88 -0.37 23.86
N ARG B 85 -30.89 0.43 23.54
CA ARG B 85 -32.24 -0.08 23.32
C ARG B 85 -32.30 -0.89 22.02
N LYS B 86 -32.65 -2.16 22.16
CA LYS B 86 -32.65 -3.08 21.03
C LYS B 86 -33.99 -3.03 20.31
N ILE B 87 -33.93 -2.87 18.98
CA ILE B 87 -35.12 -2.82 18.15
C ILE B 87 -35.07 -4.03 17.24
N THR B 88 -35.84 -5.06 17.56
CA THR B 88 -35.88 -6.25 16.71
C THR B 88 -36.66 -5.94 15.44
N VAL B 89 -36.14 -6.39 14.31
CA VAL B 89 -36.75 -6.12 13.01
C VAL B 89 -36.97 -7.46 12.30
N PHE B 90 -38.20 -7.70 11.90
CA PHE B 90 -38.57 -8.95 11.24
C PHE B 90 -38.70 -8.70 9.74
N ILE B 91 -38.06 -9.56 8.94
CA ILE B 91 -37.93 -9.35 7.51
C ILE B 91 -38.61 -10.50 6.78
N ALA B 92 -39.58 -10.17 5.94
CA ALA B 92 -40.18 -11.14 5.06
C ALA B 92 -40.03 -10.68 3.61
N PRO B 93 -39.75 -11.59 2.69
CA PRO B 93 -39.64 -11.22 1.28
C PRO B 93 -40.99 -10.88 0.70
N PRO B 94 -41.04 -10.12 -0.39
CA PRO B 94 -42.28 -10.00 -1.13
C PRO B 94 -42.66 -11.33 -1.74
N PRO B 95 -43.96 -11.57 -1.97
CA PRO B 95 -44.40 -12.92 -2.36
C PRO B 95 -43.94 -13.33 -3.75
N ASN B 96 -43.38 -14.54 -3.83
CA ASN B 96 -42.91 -15.27 -5.00
C ASN B 96 -41.66 -14.68 -5.65
N ASP B 97 -41.10 -13.60 -5.12
CA ASP B 97 -39.80 -13.12 -5.57
C ASP B 97 -38.84 -13.07 -4.39
N TYR B 98 -37.62 -12.63 -4.66
CA TYR B 98 -36.51 -12.86 -3.76
C TYR B 98 -36.53 -11.90 -2.57
N LEU B 99 -35.64 -12.19 -1.62
CA LEU B 99 -35.55 -11.43 -0.37
C LEU B 99 -34.91 -10.07 -0.58
N GLU B 100 -34.21 -9.87 -1.69
CA GLU B 100 -33.36 -8.70 -1.88
C GLU B 100 -34.16 -7.41 -2.03
N SER B 101 -35.43 -7.47 -2.42
CA SER B 101 -36.24 -6.25 -2.48
C SER B 101 -36.57 -5.75 -1.08
N SER B 102 -36.96 -6.66 -0.19
CA SER B 102 -37.18 -6.28 1.20
C SER B 102 -35.88 -5.92 1.88
N LEU B 103 -34.76 -6.52 1.48
CA LEU B 103 -33.47 -6.10 2.01
C LEU B 103 -33.06 -4.73 1.50
N LYS B 104 -33.44 -4.37 0.27
CA LYS B 104 -33.18 -3.04 -0.24
C LYS B 104 -33.94 -1.99 0.55
N VAL B 105 -35.25 -2.23 0.76
CA VAL B 105 -36.05 -1.26 1.49
C VAL B 105 -35.70 -1.29 2.98
N TRP B 106 -35.10 -2.38 3.46
CA TRP B 106 -34.56 -2.39 4.81
C TRP B 106 -33.32 -1.50 4.90
N ARG B 107 -32.27 -1.83 4.13
CA ARG B 107 -30.98 -1.15 4.18
C ARG B 107 -31.10 0.32 3.88
N ARG B 108 -31.46 0.64 2.63
CA ARG B 108 -31.26 1.99 2.09
C ARG B 108 -32.06 3.05 2.82
N TYR B 109 -33.18 2.66 3.42
CA TYR B 109 -34.06 3.62 4.07
C TYR B 109 -34.11 3.46 5.58
N VAL B 110 -34.20 2.24 6.09
CA VAL B 110 -34.40 2.09 7.53
C VAL B 110 -33.08 2.02 8.27
N LYS B 111 -32.06 1.35 7.69
CA LYS B 111 -30.86 1.06 8.46
C LYS B 111 -29.98 2.24 8.87
N PRO B 112 -29.88 3.35 8.10
CA PRO B 112 -29.25 4.55 8.68
C PRO B 112 -29.95 5.08 9.89
N VAL B 113 -31.28 5.04 9.90
CA VAL B 113 -32.07 5.57 11.01
C VAL B 113 -31.81 4.78 12.29
N LEU B 114 -31.70 3.46 12.17
CA LEU B 114 -31.38 2.68 13.35
C LEU B 114 -29.89 2.64 13.67
N TYR B 115 -29.03 2.92 12.68
CA TYR B 115 -27.60 2.98 12.95
C TYR B 115 -27.23 4.29 13.62
N TYR B 116 -27.79 5.40 13.15
CA TYR B 116 -27.74 6.62 13.94
C TYR B 116 -28.68 6.47 15.12
N ALA B 117 -28.49 7.34 16.12
CA ALA B 117 -29.10 7.28 17.45
C ALA B 117 -28.81 5.97 18.19
N GLY B 118 -27.75 5.25 17.81
CA GLY B 118 -27.16 4.13 18.53
C GLY B 118 -28.04 2.98 18.97
N LEU B 119 -29.08 2.67 18.21
CA LEU B 119 -30.03 1.63 18.59
C LEU B 119 -29.54 0.29 18.06
N ASP B 120 -29.11 -0.58 18.97
CA ASP B 120 -28.54 -1.87 18.61
C ASP B 120 -29.64 -2.83 18.15
N TYR B 121 -29.93 -2.82 16.86
CA TYR B 121 -31.01 -3.61 16.30
C TYR B 121 -30.61 -5.09 16.19
N GLU B 122 -31.56 -5.91 15.73
CA GLU B 122 -31.25 -7.28 15.34
C GLU B 122 -32.24 -7.68 14.24
N LEU B 123 -31.77 -8.50 13.32
CA LEU B 123 -32.51 -8.83 12.11
C LEU B 123 -32.91 -10.30 12.13
N VAL B 124 -34.21 -10.56 12.05
CA VAL B 124 -34.74 -11.91 11.91
C VAL B 124 -35.41 -11.97 10.56
N GLN B 125 -34.77 -12.60 9.59
CA GLN B 125 -35.26 -12.69 8.23
C GLN B 125 -35.68 -14.12 7.92
N GLU B 126 -36.61 -14.26 6.97
CA GLU B 126 -37.10 -15.56 6.55
C GLU B 126 -36.96 -15.70 5.04
N ASP B 127 -36.87 -16.95 4.59
CA ASP B 127 -36.97 -17.30 3.18
C ASP B 127 -38.19 -18.14 2.86
N ARG B 128 -38.56 -19.05 3.76
CA ARG B 128 -39.80 -19.78 3.66
C ARG B 128 -40.89 -18.99 4.38
N GLN B 129 -42.04 -19.60 4.64
CA GLN B 129 -43.09 -18.97 5.42
C GLN B 129 -43.11 -19.58 6.81
N GLY B 130 -43.38 -18.76 7.82
CA GLY B 130 -43.56 -19.22 9.18
C GLY B 130 -42.35 -19.12 10.07
N ILE B 131 -41.20 -18.68 9.55
CA ILE B 131 -39.98 -18.70 10.33
C ILE B 131 -39.98 -17.54 11.34
N ILE B 132 -40.52 -16.39 10.94
CA ILE B 132 -40.75 -15.28 11.86
C ILE B 132 -41.71 -15.69 12.97
N ARG B 133 -42.80 -16.38 12.59
CA ARG B 133 -43.81 -16.81 13.53
C ARG B 133 -43.26 -17.82 14.52
N THR B 134 -42.55 -18.83 14.03
CA THR B 134 -41.99 -19.83 14.94
C THR B 134 -40.83 -19.26 15.74
N ASN B 135 -40.17 -18.21 15.24
CA ASN B 135 -39.11 -17.56 16.01
C ASN B 135 -39.68 -16.83 17.22
N VAL B 136 -40.70 -15.99 17.00
CA VAL B 136 -41.26 -15.24 18.12
C VAL B 136 -42.05 -16.17 19.05
N ALA B 137 -42.67 -17.22 18.50
CA ALA B 137 -43.41 -18.15 19.33
C ALA B 137 -42.48 -19.03 20.15
N ASN B 138 -41.32 -19.40 19.59
CA ASN B 138 -40.34 -20.15 20.36
C ASN B 138 -39.68 -19.28 21.42
N ARG B 139 -39.54 -17.98 21.14
CA ARG B 139 -39.04 -17.05 22.15
C ARG B 139 -39.99 -16.97 23.35
N ILE B 140 -41.29 -16.78 23.07
CA ILE B 140 -42.28 -16.70 24.15
C ILE B 140 -42.42 -18.04 24.85
N ARG B 141 -42.35 -19.14 24.11
CA ARG B 141 -42.45 -20.47 24.68
C ARG B 141 -41.24 -20.80 25.55
N GLU B 142 -40.05 -20.32 25.16
CA GLU B 142 -38.87 -20.52 25.98
C GLU B 142 -38.93 -19.70 27.25
N LEU B 143 -39.48 -18.48 27.17
CA LEU B 143 -39.69 -17.68 28.37
C LEU B 143 -40.69 -18.36 29.31
N ARG B 144 -41.75 -18.93 28.75
CA ARG B 144 -42.76 -19.61 29.56
C ARG B 144 -42.19 -20.88 30.19
N LYS B 145 -41.40 -21.63 29.44
CA LYS B 145 -40.78 -22.85 29.96
C LYS B 145 -39.75 -22.52 31.03
N GLU B 146 -39.02 -21.41 30.86
CA GLU B 146 -38.03 -21.03 31.85
C GLU B 146 -38.68 -20.51 33.12
N ILE B 147 -39.81 -19.81 32.99
CA ILE B 147 -40.47 -19.32 34.20
C ILE B 147 -41.27 -20.44 34.88
N LEU B 148 -41.65 -21.48 34.14
CA LEU B 148 -42.30 -22.63 34.75
C LEU B 148 -41.32 -23.72 35.17
N ALA B 149 -40.03 -23.54 34.88
CA ALA B 149 -39.04 -24.49 35.37
C ALA B 149 -38.86 -24.42 36.88
N SER B 150 -39.02 -23.23 37.46
CA SER B 150 -38.90 -23.08 38.90
C SER B 150 -40.17 -23.54 39.60
N GLY B 239 -38.77 -1.31 20.88
CA GLY B 239 -39.73 -1.34 19.80
C GLY B 239 -39.58 -2.53 18.89
N VAL B 240 -40.55 -2.73 17.99
CA VAL B 240 -40.52 -3.81 17.00
C VAL B 240 -41.00 -3.22 15.68
N ILE B 241 -40.16 -3.30 14.65
CA ILE B 241 -40.47 -2.80 13.32
C ILE B 241 -40.38 -3.97 12.37
N CYS B 242 -41.51 -4.58 12.03
CA CYS B 242 -41.52 -5.65 11.04
C CYS B 242 -41.96 -5.10 9.70
N LEU B 243 -41.16 -5.37 8.66
CA LEU B 243 -41.37 -4.79 7.33
C LEU B 243 -42.21 -5.74 6.50
N GLY B 244 -43.37 -5.27 6.05
CA GLY B 244 -44.19 -6.07 5.16
C GLY B 244 -45.50 -6.53 5.75
N ARG B 245 -46.52 -6.66 4.89
CA ARG B 245 -47.81 -7.17 5.33
C ARG B 245 -47.72 -8.64 5.73
N GLY B 246 -46.83 -9.40 5.08
CA GLY B 246 -46.66 -10.80 5.45
C GLY B 246 -45.92 -10.97 6.77
N ALA B 247 -44.93 -10.12 7.02
CA ALA B 247 -44.16 -10.21 8.26
C ALA B 247 -45.02 -9.84 9.47
N TYR B 248 -45.85 -8.81 9.34
CA TYR B 248 -46.72 -8.41 10.43
C TYR B 248 -47.82 -9.45 10.65
N LYS B 249 -48.28 -10.09 9.58
CA LYS B 249 -49.23 -11.20 9.69
C LYS B 249 -48.64 -12.36 10.48
N GLU B 250 -47.44 -12.79 10.08
CA GLU B 250 -46.79 -13.91 10.78
C GLU B 250 -46.38 -13.54 12.19
N TYR B 251 -46.06 -12.27 12.42
CA TYR B 251 -45.67 -11.84 13.76
C TYR B 251 -46.87 -11.82 14.71
N ILE B 252 -48.01 -11.32 14.25
CA ILE B 252 -49.18 -11.30 15.12
C ILE B 252 -49.72 -12.72 15.29
N ALA B 253 -49.50 -13.60 14.30
CA ALA B 253 -49.83 -15.00 14.49
C ALA B 253 -48.91 -15.66 15.51
N GLY B 254 -47.63 -15.28 15.51
CA GLY B 254 -46.71 -15.83 16.50
C GLY B 254 -47.01 -15.33 17.90
N ILE B 255 -47.47 -14.09 18.03
CA ILE B 255 -47.88 -13.56 19.33
C ILE B 255 -49.11 -14.30 19.84
N HIS B 256 -50.12 -14.45 18.98
CA HIS B 256 -51.33 -15.15 19.39
C HIS B 256 -51.11 -16.65 19.58
N GLU B 257 -50.04 -17.21 19.00
CA GLU B 257 -49.73 -18.61 19.26
C GLU B 257 -48.93 -18.77 20.55
N GLY B 258 -48.02 -17.83 20.83
CA GLY B 258 -47.20 -17.95 22.02
C GLY B 258 -47.96 -17.65 23.29
N LEU B 259 -48.82 -16.63 23.26
CA LEU B 259 -49.53 -16.23 24.47
C LEU B 259 -50.64 -17.22 24.81
N LEU B 260 -51.43 -17.62 23.82
CA LEU B 260 -52.63 -18.41 24.07
C LEU B 260 -52.38 -19.91 23.95
N GLY B 261 -51.51 -20.33 23.05
CA GLY B 261 -51.41 -21.72 22.68
C GLY B 261 -50.70 -22.61 23.68
N PRO B 262 -50.35 -23.83 23.25
CA PRO B 262 -49.70 -24.79 24.14
C PRO B 262 -48.19 -24.62 24.19
N ILE B 263 -47.51 -25.59 24.81
CA ILE B 263 -46.06 -25.61 24.83
C ILE B 263 -45.54 -26.73 23.93
N LEU B 371 -44.31 -1.76 21.02
CA LEU B 371 -44.44 -0.82 19.92
C LEU B 371 -44.33 -1.53 18.57
N LEU B 372 -45.24 -1.20 17.65
CA LEU B 372 -45.25 -1.78 16.32
C LEU B 372 -45.19 -0.68 15.27
N VAL B 373 -44.39 -0.90 14.23
CA VAL B 373 -44.32 0.00 13.08
C VAL B 373 -44.29 -0.87 11.84
N ILE B 374 -45.22 -0.64 10.91
CA ILE B 374 -45.35 -1.49 9.73
C ILE B 374 -45.11 -0.72 8.44
N PRO B 375 -43.87 -0.56 7.97
CA PRO B 375 -43.67 -0.08 6.62
C PRO B 375 -43.97 -1.18 5.61
N ILE B 376 -44.36 -0.76 4.41
CA ILE B 376 -44.89 -1.70 3.41
C ILE B 376 -44.04 -1.66 2.15
N PRO B 377 -43.19 -2.66 1.90
CA PRO B 377 -42.56 -2.78 0.59
C PRO B 377 -43.57 -3.19 -0.48
N ASN B 378 -43.16 -3.07 -1.73
CA ASN B 378 -44.08 -3.29 -2.84
C ASN B 378 -43.54 -4.34 -3.81
N ILE B 385 -46.48 -3.70 -14.89
CA ILE B 385 -45.17 -3.61 -15.51
C ILE B 385 -44.81 -2.16 -15.96
N PRO B 386 -45.77 -1.34 -16.39
CA PRO B 386 -45.55 0.12 -16.29
C PRO B 386 -45.90 0.67 -14.92
N ARG B 387 -46.63 -0.09 -14.10
CA ARG B 387 -46.86 0.28 -12.71
C ARG B 387 -45.56 0.30 -11.92
N ARG B 388 -44.60 -0.56 -12.30
CA ARG B 388 -43.28 -0.51 -11.69
C ARG B 388 -42.56 0.80 -12.00
N ILE B 389 -42.73 1.31 -13.23
CA ILE B 389 -42.11 2.58 -13.57
C ILE B 389 -42.85 3.74 -12.90
N HIS B 390 -44.16 3.61 -12.71
CA HIS B 390 -44.91 4.65 -12.02
C HIS B 390 -44.56 4.69 -10.54
N ARG B 391 -44.30 3.53 -9.93
CA ARG B 391 -43.80 3.51 -8.57
C ARG B 391 -42.36 4.01 -8.50
N PHE B 392 -41.57 3.72 -9.53
CA PHE B 392 -40.17 4.12 -9.55
C PHE B 392 -40.01 5.62 -9.77
N TYR B 393 -41.03 6.27 -10.34
CA TYR B 393 -41.03 7.72 -10.46
C TYR B 393 -41.71 8.43 -9.30
N GLN B 394 -42.75 7.84 -8.72
CA GLN B 394 -43.40 8.42 -7.54
C GLN B 394 -42.81 7.83 -6.26
N LYS B 395 -41.49 8.03 -6.11
CA LYS B 395 -40.74 7.35 -5.07
C LYS B 395 -40.49 8.22 -3.84
N ARG B 396 -40.51 9.54 -3.99
CA ARG B 396 -40.14 10.44 -2.90
C ARG B 396 -41.17 10.43 -1.77
N PHE B 397 -42.45 10.27 -2.11
CA PHE B 397 -43.48 10.16 -1.08
C PHE B 397 -43.34 8.88 -0.29
N TYR B 398 -42.90 7.80 -0.95
CA TYR B 398 -42.73 6.52 -0.26
C TYR B 398 -41.58 6.58 0.74
N VAL B 399 -40.44 7.14 0.35
CA VAL B 399 -39.32 7.20 1.27
C VAL B 399 -39.57 8.25 2.35
N GLU B 400 -40.37 9.27 2.03
CA GLU B 400 -40.82 10.21 3.06
C GLU B 400 -41.69 9.50 4.08
N ASP B 401 -42.58 8.61 3.63
CA ASP B 401 -43.44 7.85 4.52
C ASP B 401 -42.63 6.93 5.42
N VAL B 402 -41.70 6.17 4.83
CA VAL B 402 -40.91 5.22 5.60
C VAL B 402 -40.00 5.94 6.60
N CYS B 403 -39.33 7.01 6.15
CA CYS B 403 -38.43 7.73 7.05
C CYS B 403 -39.20 8.47 8.14
N SER B 404 -40.38 9.01 7.84
CA SER B 404 -41.16 9.69 8.87
C SER B 404 -41.70 8.71 9.90
N SER B 405 -42.13 7.52 9.46
CA SER B 405 -42.60 6.51 10.40
C SER B 405 -41.46 6.02 11.30
N VAL B 406 -40.27 5.84 10.72
CA VAL B 406 -39.20 5.29 11.53
C VAL B 406 -38.54 6.37 12.41
N VAL B 407 -38.58 7.65 12.02
CA VAL B 407 -38.13 8.69 12.95
C VAL B 407 -39.16 8.90 14.05
N ASN B 408 -40.46 8.66 13.77
CA ASN B 408 -41.43 8.64 14.85
C ASN B 408 -41.20 7.47 15.79
N CYS B 409 -40.72 6.35 15.28
CA CYS B 409 -40.39 5.23 16.15
C CYS B 409 -39.15 5.50 16.99
N VAL B 410 -38.13 6.13 16.41
CA VAL B 410 -36.88 6.35 17.14
C VAL B 410 -37.03 7.46 18.15
N ARG B 411 -37.57 8.60 17.73
CA ARG B 411 -37.71 9.75 18.63
C ARG B 411 -38.73 9.49 19.74
N GLN B 412 -39.74 8.67 19.48
CA GLN B 412 -40.72 8.35 20.49
C GLN B 412 -40.66 6.86 20.85
N GLN C 87 28.38 23.92 -50.41
CA GLN C 87 27.25 24.74 -49.98
C GLN C 87 26.92 24.44 -48.52
N LEU C 88 26.20 25.37 -47.88
CA LEU C 88 25.92 25.22 -46.45
C LEU C 88 24.90 24.13 -46.18
N THR C 89 23.96 23.92 -47.11
CA THR C 89 22.92 22.91 -46.90
C THR C 89 23.49 21.50 -46.92
N TRP C 90 24.45 21.24 -47.80
CA TRP C 90 25.13 19.95 -47.83
C TRP C 90 25.96 19.75 -46.57
N TYR C 91 26.56 20.84 -46.08
CA TYR C 91 27.34 20.79 -44.83
C TYR C 91 26.47 20.41 -43.64
N LEU C 92 25.34 21.11 -43.47
CA LEU C 92 24.49 20.85 -42.32
C LEU C 92 23.79 19.50 -42.42
N SER C 93 23.41 19.09 -43.64
CA SER C 93 22.76 17.78 -43.79
C SER C 93 23.74 16.65 -43.54
N SER C 94 24.98 16.78 -44.01
CA SER C 94 25.99 15.76 -43.74
C SER C 94 26.36 15.72 -42.27
N LEU C 95 26.43 16.88 -41.61
CA LEU C 95 26.72 16.91 -40.19
C LEU C 95 25.59 16.30 -39.36
N HIS C 96 24.34 16.57 -39.76
CA HIS C 96 23.18 15.97 -39.13
C HIS C 96 23.20 14.45 -39.29
N ARG C 97 23.54 13.97 -40.48
CA ARG C 97 23.60 12.53 -40.73
C ARG C 97 24.70 11.86 -39.92
N ILE C 98 25.90 12.46 -39.88
CA ILE C 98 27.01 11.80 -39.19
C ILE C 98 26.83 11.86 -37.67
N SER C 99 26.23 12.94 -37.16
CA SER C 99 25.95 13.03 -35.73
C SER C 99 24.87 12.04 -35.33
N LEU C 100 23.85 11.89 -36.19
CA LEU C 100 22.79 10.94 -35.94
C LEU C 100 23.31 9.51 -35.95
N VAL C 101 24.18 9.17 -36.89
CA VAL C 101 24.61 7.78 -36.96
C VAL C 101 25.63 7.47 -35.85
N LEU C 102 26.48 8.42 -35.47
CA LEU C 102 27.45 8.11 -34.41
C LEU C 102 26.78 8.08 -33.04
N MET C 103 25.87 9.01 -32.76
CA MET C 103 25.09 8.94 -31.53
C MET C 103 24.16 7.74 -31.54
N GLY C 104 23.74 7.28 -32.72
CA GLY C 104 22.96 6.06 -32.79
C GLY C 104 23.75 4.83 -32.42
N LEU C 105 25.00 4.73 -32.90
CA LEU C 105 25.85 3.62 -32.50
C LEU C 105 26.15 3.68 -31.00
N GLY C 106 26.38 4.87 -30.46
CA GLY C 106 26.63 4.98 -29.03
C GLY C 106 25.43 4.60 -28.17
N PHE C 107 24.26 5.12 -28.51
CA PHE C 107 23.03 4.80 -27.79
C PHE C 107 22.67 3.34 -27.91
N TYR C 108 22.73 2.78 -29.13
CA TYR C 108 22.38 1.39 -29.35
C TYR C 108 23.35 0.44 -28.66
N LEU C 109 24.64 0.78 -28.66
CA LEU C 109 25.62 -0.08 -28.01
C LEU C 109 25.44 -0.05 -26.49
N PHE C 110 25.24 1.14 -25.93
CA PHE C 110 25.08 1.23 -24.49
C PHE C 110 23.75 0.66 -24.02
N THR C 111 22.73 0.62 -24.87
CA THR C 111 21.50 -0.03 -24.47
C THR C 111 21.60 -1.54 -24.58
N ILE C 112 22.07 -2.06 -25.72
CA ILE C 112 22.13 -3.52 -25.90
C ILE C 112 23.28 -4.17 -25.14
N LEU C 113 24.18 -3.39 -24.53
CA LEU C 113 25.07 -3.96 -23.54
C LEU C 113 24.29 -4.46 -22.33
N PHE C 114 23.29 -3.70 -21.90
CA PHE C 114 22.40 -4.15 -20.85
C PHE C 114 21.30 -5.06 -21.36
N GLY C 115 21.03 -5.06 -22.66
CA GLY C 115 20.05 -5.98 -23.20
C GLY C 115 20.53 -7.41 -23.17
N VAL C 116 21.77 -7.65 -23.62
CA VAL C 116 22.31 -9.00 -23.65
C VAL C 116 22.75 -9.49 -22.29
N SER C 117 22.75 -8.63 -21.27
CA SER C 117 23.04 -9.08 -19.91
C SER C 117 21.81 -9.64 -19.22
N GLY C 118 20.62 -9.33 -19.71
CA GLY C 118 19.40 -9.74 -19.03
C GLY C 118 18.84 -11.07 -19.49
N LEU C 119 18.91 -11.35 -20.80
CA LEU C 119 18.55 -12.69 -21.27
C LEU C 119 19.57 -13.72 -20.82
N LEU C 120 20.83 -13.33 -20.70
CA LEU C 120 21.85 -14.18 -20.11
C LEU C 120 21.94 -13.86 -18.62
N GLY C 121 22.97 -14.37 -17.96
CA GLY C 121 23.20 -14.09 -16.56
C GLY C 121 24.45 -13.26 -16.34
N LEU C 122 24.66 -12.25 -17.18
CA LEU C 122 25.91 -11.50 -17.16
C LEU C 122 25.98 -10.56 -15.96
N GLY C 123 24.94 -9.75 -15.76
CA GLY C 123 24.91 -8.83 -14.65
C GLY C 123 25.87 -7.66 -14.78
N LEU C 124 25.59 -6.78 -15.73
CA LEU C 124 26.42 -5.59 -15.98
C LEU C 124 25.69 -4.39 -15.42
N THR C 125 26.22 -3.80 -14.35
CA THR C 125 25.66 -2.58 -13.80
C THR C 125 26.21 -1.36 -14.52
N THR C 126 25.68 -0.19 -14.18
CA THR C 126 26.32 1.05 -14.60
C THR C 126 27.64 1.25 -13.88
N GLU C 127 27.74 0.75 -12.65
CA GLU C 127 28.97 0.92 -11.88
C GLU C 127 30.10 0.08 -12.45
N LYS C 128 29.81 -1.15 -12.86
CA LYS C 128 30.83 -2.02 -13.41
C LYS C 128 31.32 -1.52 -14.77
N VAL C 129 30.38 -1.06 -15.61
CA VAL C 129 30.74 -0.55 -16.93
C VAL C 129 31.49 0.77 -16.80
N SER C 130 31.08 1.63 -15.86
CA SER C 130 31.79 2.89 -15.65
C SER C 130 33.18 2.66 -15.06
N ASN C 131 33.32 1.65 -14.20
CA ASN C 131 34.63 1.32 -13.66
C ASN C 131 35.56 0.76 -14.72
N TRP C 132 35.04 -0.12 -15.60
CA TRP C 132 35.85 -0.65 -16.69
C TRP C 132 36.24 0.43 -17.69
N TYR C 133 35.32 1.36 -17.96
CA TYR C 133 35.60 2.44 -18.89
C TYR C 133 36.58 3.44 -18.31
N HIS C 134 36.55 3.66 -17.00
CA HIS C 134 37.52 4.56 -16.39
C HIS C 134 38.85 3.90 -16.11
N GLN C 135 38.89 2.57 -16.08
CA GLN C 135 40.15 1.88 -15.87
C GLN C 135 40.90 1.60 -17.17
N LYS C 136 40.23 1.07 -18.19
CA LYS C 136 40.92 0.65 -19.40
C LYS C 136 41.20 1.82 -20.35
N PHE C 137 40.57 2.96 -20.17
CA PHE C 137 40.76 4.10 -21.06
C PHE C 137 41.59 5.18 -20.35
N SER C 138 42.46 5.84 -21.11
CA SER C 138 43.26 6.92 -20.55
C SER C 138 42.48 8.22 -20.56
N LYS C 139 43.16 9.31 -20.19
CA LYS C 139 42.48 10.59 -20.00
C LYS C 139 42.16 11.28 -21.33
N ILE C 140 43.12 11.29 -22.25
CA ILE C 140 42.96 12.10 -23.45
C ILE C 140 41.99 11.45 -24.44
N THR C 141 41.92 10.11 -24.48
CA THR C 141 40.93 9.46 -25.33
C THR C 141 39.52 9.64 -24.77
N GLU C 142 39.40 9.68 -23.44
CA GLU C 142 38.13 9.98 -22.80
C GLU C 142 37.70 11.41 -23.09
N TRP C 143 38.66 12.34 -23.08
CA TRP C 143 38.34 13.74 -23.38
C TRP C 143 37.94 13.92 -24.84
N SER C 144 38.57 13.17 -25.75
CA SER C 144 38.18 13.28 -27.16
C SER C 144 36.80 12.69 -27.41
N ILE C 145 36.49 11.56 -26.75
CA ILE C 145 35.15 10.96 -26.87
C ILE C 145 34.08 11.91 -26.32
N LYS C 146 34.36 12.52 -25.16
CA LYS C 146 33.41 13.45 -24.55
C LYS C 146 33.22 14.69 -25.41
N GLY C 147 34.31 15.23 -25.97
CA GLY C 147 34.20 16.39 -26.83
C GLY C 147 33.45 16.11 -28.11
N SER C 148 33.67 14.92 -28.69
CA SER C 148 32.95 14.52 -29.90
C SER C 148 31.45 14.39 -29.65
N PHE C 149 31.08 13.71 -28.56
CA PHE C 149 29.65 13.52 -28.26
C PHE C 149 28.97 14.84 -27.90
N ALA C 150 29.64 15.68 -27.12
CA ALA C 150 29.06 16.97 -26.75
C ALA C 150 29.01 17.94 -27.90
N TYR C 151 29.89 17.81 -28.90
CA TYR C 151 29.75 18.65 -30.08
C TYR C 151 28.66 18.15 -31.01
N LEU C 152 28.45 16.84 -31.08
CA LEU C 152 27.45 16.32 -32.00
C LEU C 152 26.02 16.37 -31.44
N PHE C 153 25.85 16.51 -30.12
CA PHE C 153 24.51 16.73 -29.58
C PHE C 153 23.97 18.11 -29.97
N ALA C 154 24.86 19.10 -30.09
CA ALA C 154 24.45 20.41 -30.55
C ALA C 154 24.04 20.41 -32.02
N ILE C 155 24.45 19.39 -32.79
CA ILE C 155 23.93 19.26 -34.15
C ILE C 155 22.47 18.86 -34.12
N HIS C 156 22.05 18.06 -33.14
CA HIS C 156 20.63 17.74 -33.07
C HIS C 156 19.82 18.88 -32.47
N TYR C 157 20.43 19.71 -31.64
CA TYR C 157 19.76 20.98 -31.38
C TYR C 157 19.78 21.92 -32.59
N GLY C 158 20.70 21.72 -33.52
CA GLY C 158 20.51 22.28 -34.84
C GLY C 158 19.39 21.62 -35.63
N GLY C 159 19.05 20.38 -35.28
CA GLY C 159 17.82 19.78 -35.76
C GLY C 159 16.60 20.49 -35.21
N ALA C 160 16.69 20.99 -33.98
CA ALA C 160 15.66 21.90 -33.49
C ALA C 160 15.66 23.22 -34.27
N ILE C 161 16.83 23.67 -34.72
CA ILE C 161 16.90 24.87 -35.55
C ILE C 161 16.25 24.62 -36.92
N ARG C 162 16.48 23.46 -37.51
CA ARG C 162 15.81 23.17 -38.77
C ARG C 162 14.33 22.81 -38.58
N HIS C 163 13.91 22.50 -37.35
CA HIS C 163 12.50 22.58 -37.02
C HIS C 163 12.01 24.02 -36.98
N LEU C 164 12.84 24.95 -36.51
CA LEU C 164 12.45 26.35 -36.48
C LEU C 164 12.29 26.91 -37.89
N ILE C 165 13.10 26.43 -38.85
CA ILE C 165 12.83 26.81 -40.24
C ILE C 165 11.68 26.00 -40.80
N TRP C 166 11.38 24.84 -40.20
CA TRP C 166 10.24 24.04 -40.63
C TRP C 166 8.90 24.59 -40.14
N ASP C 167 8.92 25.58 -39.24
CA ASP C 167 7.68 26.19 -38.78
C ASP C 167 7.02 27.00 -39.89
N THR C 168 7.80 27.54 -40.81
CA THR C 168 7.26 28.32 -41.92
C THR C 168 7.62 27.69 -43.26
N THR C 173 14.44 31.68 -48.42
CA THR C 173 15.24 32.86 -48.72
C THR C 173 16.69 32.65 -48.30
N LEU C 174 17.62 33.24 -49.05
CA LEU C 174 19.04 33.04 -48.77
C LEU C 174 19.45 33.76 -47.50
N LYS C 175 18.87 34.92 -47.23
CA LYS C 175 19.16 35.62 -45.99
C LYS C 175 18.53 34.95 -44.78
N GLY C 176 17.54 34.08 -45.00
CA GLY C 176 17.01 33.26 -43.94
C GLY C 176 17.88 32.06 -43.67
N VAL C 177 18.24 31.32 -44.72
CA VAL C 177 18.96 30.06 -44.52
C VAL C 177 20.43 30.32 -44.15
N TYR C 178 21.02 31.42 -44.61
CA TYR C 178 22.37 31.74 -44.17
C TYR C 178 22.39 32.22 -42.73
N ARG C 179 21.32 32.91 -42.30
CA ARG C 179 21.19 33.29 -40.91
C ARG C 179 21.00 32.07 -40.02
N THR C 180 20.21 31.10 -40.46
CA THR C 180 20.04 29.88 -39.68
C THR C 180 21.32 29.04 -39.65
N GLY C 181 22.12 29.06 -40.73
CA GLY C 181 23.37 28.36 -40.71
C GLY C 181 24.41 28.99 -39.79
N TYR C 182 24.49 30.33 -39.81
CA TYR C 182 25.43 31.02 -38.92
C TYR C 182 25.00 30.90 -37.46
N ALA C 183 23.69 30.98 -37.19
CA ALA C 183 23.19 30.77 -35.85
C ALA C 183 23.37 29.33 -35.41
N LEU C 184 23.27 28.38 -36.35
CA LEU C 184 23.56 26.98 -36.08
C LEU C 184 25.00 26.79 -35.62
N ILE C 185 25.96 27.34 -36.37
CA ILE C 185 27.36 27.06 -36.02
C ILE C 185 27.76 27.82 -34.76
N GLY C 186 27.20 29.02 -34.52
CA GLY C 186 27.50 29.73 -33.29
C GLY C 186 26.88 29.08 -32.07
N PHE C 187 25.61 28.66 -32.20
CA PHE C 187 24.93 27.95 -31.12
C PHE C 187 25.58 26.61 -30.84
N THR C 188 26.08 25.94 -31.88
CA THR C 188 26.81 24.70 -31.73
C THR C 188 28.11 24.91 -30.97
N ALA C 189 28.84 25.98 -31.29
CA ALA C 189 30.10 26.26 -30.60
C ALA C 189 29.87 26.59 -29.13
N VAL C 190 28.90 27.46 -28.83
CA VAL C 190 28.70 27.85 -27.44
C VAL C 190 28.07 26.70 -26.64
N LEU C 191 27.26 25.86 -27.27
CA LEU C 191 26.69 24.73 -26.56
C LEU C 191 27.71 23.63 -26.34
N GLY C 192 28.64 23.45 -27.27
CA GLY C 192 29.72 22.50 -27.05
C GLY C 192 30.66 22.95 -25.94
N THR C 193 30.90 24.27 -25.86
CA THR C 193 31.68 24.81 -24.75
C THR C 193 30.95 24.60 -23.41
N TYR C 194 29.64 24.87 -23.39
CA TYR C 194 28.87 24.73 -22.16
C TYR C 194 28.75 23.27 -21.73
N LEU C 195 28.69 22.34 -22.69
CA LEU C 195 28.64 20.93 -22.35
C LEU C 195 30.01 20.38 -21.97
N LEU C 196 31.09 20.97 -22.49
CA LEU C 196 32.41 20.56 -22.02
C LEU C 196 32.69 21.09 -20.61
N THR C 197 32.09 22.22 -20.24
CA THR C 197 32.28 22.71 -18.88
C THR C 197 31.57 21.84 -17.85
N LEU C 198 30.55 21.10 -18.24
CA LEU C 198 29.85 20.21 -17.33
C LEU C 198 30.68 18.97 -17.02
N VAL D 62 15.53 32.57 -53.90
CA VAL D 62 14.26 33.04 -54.43
C VAL D 62 13.15 32.20 -53.79
N GLN D 63 13.54 31.19 -53.02
CA GLN D 63 12.59 30.25 -52.45
C GLN D 63 12.99 29.91 -51.03
N MET D 64 12.00 29.44 -50.27
CA MET D 64 12.14 29.06 -48.86
C MET D 64 11.75 27.59 -48.75
N PHE D 65 12.37 26.77 -49.61
CA PHE D 65 11.88 25.49 -50.13
C PHE D 65 11.25 24.55 -49.10
N LYS D 66 12.03 24.10 -48.12
CA LYS D 66 11.65 23.03 -47.22
C LYS D 66 12.73 22.89 -46.15
N PRO D 67 12.42 22.25 -45.03
CA PRO D 67 13.46 21.61 -44.25
C PRO D 67 14.02 20.44 -45.06
N PRO D 68 15.35 20.18 -44.97
CA PRO D 68 15.96 19.16 -45.83
C PRO D 68 15.41 17.75 -45.61
N GLU D 69 14.69 17.27 -46.62
CA GLU D 69 13.90 16.06 -46.51
C GLU D 69 14.78 14.83 -46.52
N PHE D 70 14.30 13.78 -45.86
CA PHE D 70 14.99 12.51 -45.77
C PHE D 70 14.22 11.48 -46.57
N SER D 71 14.80 10.29 -46.70
CA SER D 71 14.18 9.22 -47.49
C SER D 71 13.07 8.58 -46.67
N GLN D 72 11.94 9.27 -46.62
CA GLN D 72 10.74 8.75 -45.99
C GLN D 72 10.19 7.59 -46.80
N PHE D 73 9.69 6.57 -46.10
CA PHE D 73 9.01 5.47 -46.78
C PHE D 73 7.74 5.98 -47.46
N LYS D 74 7.43 5.36 -48.61
CA LYS D 74 6.44 5.95 -49.52
C LYS D 74 5.03 5.77 -48.97
N ASP D 75 4.66 4.56 -48.56
CA ASP D 75 3.29 4.31 -48.12
C ASP D 75 3.09 4.74 -46.66
N SER D 76 4.12 4.62 -45.84
CA SER D 76 3.99 4.95 -44.44
C SER D 76 4.03 6.46 -44.22
N TYR D 77 3.51 6.88 -43.07
CA TYR D 77 3.54 8.29 -42.66
C TYR D 77 4.78 8.58 -41.82
N GLN D 78 5.95 8.16 -42.28
CA GLN D 78 7.16 8.22 -41.47
C GLN D 78 7.62 9.65 -41.23
N LYS D 79 7.35 10.54 -42.18
CA LYS D 79 7.76 11.94 -42.04
C LYS D 79 7.03 12.62 -40.90
N ASP D 80 5.71 12.41 -40.80
CA ASP D 80 4.93 13.08 -39.77
C ASP D 80 5.23 12.54 -38.38
N TYR D 81 5.41 11.23 -38.26
CA TYR D 81 5.75 10.66 -36.97
C TYR D 81 7.17 11.02 -36.54
N GLU D 82 8.09 11.15 -37.51
CA GLU D 82 9.43 11.63 -37.19
C GLU D 82 9.41 13.08 -36.76
N ARG D 83 8.55 13.91 -37.39
CA ARG D 83 8.37 15.29 -36.94
C ARG D 83 7.81 15.33 -35.53
N ILE D 84 6.84 14.47 -35.22
CA ILE D 84 6.25 14.42 -33.89
C ILE D 84 7.28 14.02 -32.83
N ALA D 85 8.09 13.00 -33.14
CA ALA D 85 9.13 12.55 -32.22
C ALA D 85 10.19 13.63 -32.01
N LYS D 86 10.55 14.36 -33.07
CA LYS D 86 11.49 15.47 -32.94
C LYS D 86 10.93 16.58 -32.07
N TYR D 87 9.68 16.99 -32.33
CA TYR D 87 9.14 18.16 -31.66
C TYR D 87 8.80 17.88 -30.21
N THR D 88 8.53 16.62 -29.85
CA THR D 88 8.40 16.28 -28.44
C THR D 88 9.73 15.89 -27.80
N LEU D 89 10.76 15.61 -28.58
CA LEU D 89 12.06 15.32 -28.00
C LEU D 89 12.85 16.59 -27.71
N ILE D 90 12.51 17.69 -28.40
CA ILE D 90 13.22 18.95 -28.19
C ILE D 90 13.09 19.50 -26.76
N PRO D 91 11.87 19.68 -26.19
CA PRO D 91 11.84 20.19 -24.81
C PRO D 91 12.10 19.13 -23.76
N LEU D 92 11.95 17.84 -24.11
CA LEU D 92 12.11 16.78 -23.13
C LEU D 92 13.56 16.57 -22.74
N THR D 93 14.50 16.92 -23.62
CA THR D 93 15.91 16.80 -23.30
C THR D 93 16.39 17.89 -22.37
N MET D 94 15.67 19.01 -22.27
CA MET D 94 16.04 20.07 -21.34
C MET D 94 15.78 19.68 -19.89
N VAL D 95 14.86 18.74 -19.66
CA VAL D 95 14.45 18.34 -18.31
C VAL D 95 15.57 17.63 -17.55
N PRO D 96 16.36 16.71 -18.12
CA PRO D 96 17.54 16.26 -17.37
C PRO D 96 18.61 17.33 -17.26
N PHE D 97 18.66 18.26 -18.21
CA PHE D 97 19.64 19.35 -18.11
C PHE D 97 19.23 20.37 -17.06
N TYR D 98 17.93 20.62 -16.92
CA TYR D 98 17.47 21.54 -15.88
C TYR D 98 17.52 20.87 -14.51
N ALA D 99 17.09 19.61 -14.41
CA ALA D 99 17.10 18.91 -13.14
C ALA D 99 18.49 18.46 -12.72
N SER D 100 19.44 18.42 -13.65
CA SER D 100 20.81 18.07 -13.31
C SER D 100 21.66 19.29 -12.96
N PHE D 101 21.25 20.47 -13.41
CA PHE D 101 21.98 21.68 -13.06
C PHE D 101 21.74 22.08 -11.62
N THR D 102 20.51 21.96 -11.14
CA THR D 102 20.19 22.34 -9.77
C THR D 102 20.72 21.32 -8.77
N GLY D 103 20.44 20.04 -9.00
CA GLY D 103 20.90 19.00 -8.11
C GLY D 103 21.10 17.70 -8.85
N GLY D 104 21.17 16.63 -8.08
CA GLY D 104 21.26 15.29 -8.65
C GLY D 104 19.94 14.58 -8.82
N VAL D 105 18.83 15.31 -8.77
CA VAL D 105 17.51 14.69 -8.76
C VAL D 105 17.04 14.41 -10.18
N ILE D 106 16.61 13.18 -10.42
CA ILE D 106 15.80 12.81 -11.58
C ILE D 106 14.99 11.58 -11.18
N ASN D 107 13.85 11.39 -11.84
CA ASN D 107 13.03 10.25 -11.51
C ASN D 107 12.84 9.35 -12.72
N PRO D 108 12.76 8.05 -12.53
CA PRO D 108 12.38 7.15 -13.62
C PRO D 108 10.90 7.34 -13.99
N LEU D 109 10.54 6.74 -15.12
CA LEU D 109 9.38 6.94 -16.01
C LEU D 109 9.51 8.23 -16.80
N LEU D 110 10.52 9.05 -16.54
CA LEU D 110 10.92 10.14 -17.40
C LEU D 110 12.19 9.86 -18.17
N ASP D 111 13.17 9.22 -17.53
CA ASP D 111 14.31 8.68 -18.25
C ASP D 111 13.89 7.56 -19.19
N ALA D 112 12.93 6.74 -18.77
CA ALA D 112 12.42 5.66 -19.61
C ALA D 112 11.68 6.21 -20.83
N SER D 113 10.80 7.19 -20.62
CA SER D 113 10.08 7.78 -21.74
C SER D 113 11.01 8.57 -22.65
N LEU D 114 12.01 9.24 -22.07
CA LEU D 114 12.98 9.98 -22.87
C LEU D 114 13.82 9.05 -23.72
N SER D 115 14.28 7.93 -23.14
CA SER D 115 15.06 6.97 -23.91
C SER D 115 14.20 6.23 -24.93
N SER D 116 12.91 6.05 -24.65
CA SER D 116 12.05 5.39 -25.64
C SER D 116 11.74 6.30 -26.82
N ILE D 117 11.48 7.58 -26.57
CA ILE D 117 11.29 8.53 -27.66
C ILE D 117 12.59 8.74 -28.42
N PHE D 118 13.72 8.72 -27.72
CA PHE D 118 15.03 8.75 -28.37
C PHE D 118 15.24 7.55 -29.25
N LEU D 119 14.77 6.38 -28.81
CA LEU D 119 14.89 5.17 -29.59
C LEU D 119 14.03 5.21 -30.84
N ILE D 120 12.81 5.71 -30.72
CA ILE D 120 11.90 5.81 -31.87
C ILE D 120 12.45 6.81 -32.89
N TYR D 121 12.99 7.93 -32.41
CA TYR D 121 13.58 8.92 -33.30
C TYR D 121 14.84 8.39 -33.97
N LEU D 122 15.68 7.65 -33.23
CA LEU D 122 16.87 7.06 -33.82
C LEU D 122 16.54 5.97 -34.82
N GLN D 123 15.48 5.20 -34.56
CA GLN D 123 15.04 4.19 -35.52
C GLN D 123 14.52 4.83 -36.79
N TYR D 124 13.82 5.97 -36.66
CA TYR D 124 13.37 6.69 -37.86
C TYR D 124 14.55 7.27 -38.63
N GLY D 125 15.55 7.79 -37.92
CA GLY D 125 16.73 8.29 -38.59
C GLY D 125 17.52 7.20 -39.29
N PHE D 126 17.60 6.02 -38.66
CA PHE D 126 18.32 4.91 -39.27
C PHE D 126 17.56 4.32 -40.45
N THR D 127 16.23 4.30 -40.41
CA THR D 127 15.47 3.86 -41.56
C THR D 127 15.58 4.85 -42.71
N SER D 128 15.61 6.15 -42.41
CA SER D 128 15.75 7.14 -43.47
C SER D 128 17.14 7.07 -44.11
N CYS D 129 18.19 6.86 -43.30
CA CYS D 129 19.51 6.76 -43.91
C CYS D 129 19.70 5.44 -44.63
N ILE D 130 19.01 4.38 -44.21
CA ILE D 130 19.18 3.08 -44.86
C ILE D 130 18.38 3.03 -46.16
N ILE D 131 17.26 3.77 -46.24
CA ILE D 131 16.53 3.85 -47.50
C ILE D 131 17.25 4.82 -48.44
N ASP D 132 17.89 5.85 -47.87
CA ASP D 132 18.64 6.80 -48.69
C ASP D 132 19.87 6.16 -49.32
N TYR D 133 20.53 5.26 -48.60
CA TYR D 133 21.82 4.75 -49.07
C TYR D 133 21.75 3.35 -49.67
N ILE D 134 20.91 2.47 -49.15
CA ILE D 134 20.71 1.15 -49.74
C ILE D 134 19.31 1.14 -50.37
N PRO D 135 19.20 1.13 -51.69
CA PRO D 135 17.90 1.33 -52.32
C PRO D 135 17.01 0.10 -52.19
N LYS D 136 15.73 0.31 -52.48
CA LYS D 136 14.75 -0.76 -52.49
C LYS D 136 14.69 -1.44 -53.85
N GLU D 137 14.68 -0.65 -54.92
CA GLU D 137 14.64 -1.21 -56.27
C GLU D 137 15.97 -1.83 -56.66
N LYS D 138 17.09 -1.27 -56.20
CA LYS D 138 18.41 -1.77 -56.51
C LYS D 138 19.06 -2.27 -55.23
N TYR D 139 19.75 -3.41 -55.33
CA TYR D 139 20.36 -4.11 -54.23
C TYR D 139 19.41 -4.36 -53.05
N PRO D 140 18.37 -5.18 -53.22
CA PRO D 140 17.38 -5.34 -52.14
C PRO D 140 17.59 -6.55 -51.25
N ARG D 141 18.67 -7.31 -51.42
CA ARG D 141 18.85 -8.54 -50.67
C ARG D 141 19.37 -8.27 -49.26
N TRP D 142 20.39 -7.42 -49.13
CA TRP D 142 20.88 -7.00 -47.84
C TRP D 142 19.95 -6.01 -47.16
N HIS D 143 19.04 -5.39 -47.92
CA HIS D 143 18.22 -4.30 -47.39
C HIS D 143 17.19 -4.81 -46.39
N LYS D 144 16.51 -5.91 -46.71
CA LYS D 144 15.54 -6.47 -45.78
C LYS D 144 16.23 -7.07 -44.55
N LEU D 145 17.41 -7.66 -44.74
CA LEU D 145 18.15 -8.21 -43.62
C LEU D 145 18.65 -7.12 -42.69
N ALA D 146 19.04 -5.97 -43.24
CA ALA D 146 19.51 -4.88 -42.39
C ALA D 146 18.33 -4.14 -41.74
N LEU D 147 17.17 -4.14 -42.39
CA LEU D 147 15.96 -3.65 -41.71
C LEU D 147 15.58 -4.55 -40.56
N TYR D 148 15.73 -5.86 -40.74
CA TYR D 148 15.46 -6.79 -39.65
C TYR D 148 16.50 -6.66 -38.54
N CYS D 149 17.74 -6.32 -38.88
CA CYS D 149 18.73 -6.10 -37.83
C CYS D 149 18.48 -4.78 -37.10
N LEU D 150 17.94 -3.78 -37.79
CA LEU D 150 17.50 -2.56 -37.11
C LEU D 150 16.36 -2.85 -36.14
N TYR D 151 15.40 -3.68 -36.55
CA TYR D 151 14.28 -3.98 -35.66
C TYR D 151 14.71 -4.87 -34.50
N GLY D 152 15.65 -5.78 -34.75
CA GLY D 152 16.20 -6.59 -33.66
C GLY D 152 17.02 -5.77 -32.69
N GLY D 153 17.79 -4.81 -33.20
CA GLY D 153 18.50 -3.89 -32.32
C GLY D 153 17.57 -2.99 -31.54
N SER D 154 16.45 -2.59 -32.15
CA SER D 154 15.46 -1.79 -31.43
C SER D 154 14.80 -2.58 -30.31
N MET D 155 14.51 -3.87 -30.56
CA MET D 155 13.90 -4.69 -29.51
C MET D 155 14.88 -5.00 -28.39
N LEU D 156 16.12 -5.35 -28.74
CA LEU D 156 17.14 -5.60 -27.73
C LEU D 156 17.49 -4.34 -26.95
N SER D 157 17.39 -3.18 -27.59
CA SER D 157 17.62 -1.92 -26.91
C SER D 157 16.44 -1.49 -26.04
N LEU D 158 15.20 -1.85 -26.42
CA LEU D 158 14.09 -1.67 -25.49
C LEU D 158 14.26 -2.52 -24.25
N TYR D 159 14.71 -3.77 -24.42
CA TYR D 159 14.99 -4.59 -23.24
C TYR D 159 16.18 -4.06 -22.45
N GLY D 160 17.15 -3.44 -23.13
CA GLY D 160 18.25 -2.81 -22.41
C GLY D 160 17.81 -1.59 -21.63
N ILE D 161 16.89 -0.81 -22.19
CA ILE D 161 16.32 0.33 -21.47
C ILE D 161 15.54 -0.14 -20.25
N TYR D 162 14.75 -1.19 -20.41
CA TYR D 162 13.97 -1.71 -19.28
C TYR D 162 14.87 -2.33 -18.21
N GLU D 163 15.96 -2.98 -18.60
CA GLU D 163 16.93 -3.45 -17.61
C GLU D 163 17.77 -2.33 -17.05
N LEU D 164 17.81 -1.18 -17.70
CA LEU D 164 18.58 -0.05 -17.21
C LEU D 164 17.78 0.82 -16.27
N GLU D 165 16.45 0.81 -16.38
CA GLU D 165 15.60 1.55 -15.47
C GLU D 165 15.37 0.82 -14.15
N THR D 166 15.25 -0.51 -14.18
CA THR D 166 14.91 -1.23 -12.95
C THR D 166 16.16 -1.70 -12.22
N LYS D 167 16.97 -2.53 -12.86
CA LYS D 167 18.13 -3.09 -12.18
C LYS D 167 19.25 -2.08 -12.03
N ASN D 168 19.19 -0.97 -12.76
CA ASN D 168 20.14 0.13 -12.63
C ASN D 168 19.37 1.43 -12.40
N ASN D 169 20.07 2.56 -12.52
CA ASN D 169 19.53 3.83 -12.08
C ASN D 169 19.21 4.78 -13.25
N GLY D 170 19.13 4.26 -14.46
CA GLY D 170 18.66 5.06 -15.57
C GLY D 170 19.77 5.36 -16.57
N PHE D 171 19.34 5.63 -17.81
CA PHE D 171 20.27 5.94 -18.88
C PHE D 171 20.93 7.30 -18.69
N VAL D 172 20.21 8.28 -18.14
CA VAL D 172 20.81 9.57 -17.86
C VAL D 172 21.85 9.44 -16.75
N ASP D 173 21.60 8.57 -15.77
CA ASP D 173 22.61 8.27 -14.76
C ASP D 173 23.81 7.57 -15.37
N LEU D 174 23.59 6.71 -16.37
CA LEU D 174 24.72 6.07 -17.05
C LEU D 174 25.55 7.10 -17.81
N VAL D 175 24.89 8.05 -18.46
CA VAL D 175 25.58 9.12 -19.17
C VAL D 175 26.39 9.99 -18.21
N LYS D 176 25.82 10.28 -17.03
CA LYS D 176 26.53 11.11 -16.06
C LYS D 176 27.70 10.35 -15.43
N LYS D 177 27.55 9.05 -15.21
CA LYS D 177 28.68 8.29 -14.67
C LYS D 177 29.75 8.01 -15.72
N LEU D 178 29.41 8.14 -17.00
CA LEU D 178 30.46 8.05 -18.00
C LEU D 178 31.15 9.40 -18.21
N TRP D 179 30.40 10.50 -18.09
CA TRP D 179 31.03 11.82 -18.15
C TRP D 179 31.83 12.15 -16.90
N ASN D 180 31.58 11.46 -15.79
CA ASN D 180 32.38 11.66 -14.59
C ASN D 180 33.45 10.59 -14.46
N ASP E 2 25.79 -20.93 14.30
CA ASP E 2 26.22 -20.02 13.25
C ASP E 2 27.05 -20.75 12.21
N ALA E 3 28.37 -20.51 12.24
CA ALA E 3 29.27 -21.16 11.30
C ALA E 3 29.69 -22.54 11.79
N LEU E 4 30.05 -22.65 13.06
CA LEU E 4 30.52 -23.91 13.62
C LEU E 4 29.32 -24.80 13.92
N ASN E 5 29.13 -25.83 13.11
CA ASN E 5 28.06 -26.80 13.29
C ASN E 5 28.66 -28.18 13.50
N SER E 6 28.04 -28.94 14.41
CA SER E 6 28.57 -30.22 14.86
C SER E 6 27.39 -31.01 15.43
N LYS E 7 27.70 -32.01 16.26
CA LYS E 7 26.70 -32.76 17.02
C LYS E 7 25.80 -31.89 17.89
N GLU E 8 26.27 -30.70 18.29
CA GLU E 8 25.50 -29.79 19.13
C GLU E 8 24.44 -29.01 18.37
N GLN E 9 24.44 -29.04 17.04
CA GLN E 9 23.46 -28.26 16.28
C GLN E 9 22.06 -28.86 16.31
N GLN E 10 21.92 -30.10 16.80
CA GLN E 10 20.61 -30.75 16.85
C GLN E 10 19.68 -30.05 17.81
N GLU E 11 20.18 -29.64 18.98
CA GLU E 11 19.37 -28.86 19.90
C GLU E 11 19.16 -27.44 19.39
N PHE E 12 20.13 -26.93 18.63
CA PHE E 12 20.00 -25.59 18.06
C PHE E 12 18.88 -25.54 17.05
N GLN E 13 18.69 -26.60 16.27
CA GLN E 13 17.58 -26.62 15.32
C GLN E 13 16.22 -26.73 16.03
N LYS E 14 16.19 -27.38 17.20
CA LYS E 14 14.95 -27.41 17.98
C LYS E 14 14.64 -26.04 18.58
N VAL E 15 15.68 -25.33 19.03
CA VAL E 15 15.48 -23.96 19.51
C VAL E 15 15.06 -23.04 18.36
N VAL E 16 15.59 -23.28 17.16
CA VAL E 16 15.18 -22.52 15.97
C VAL E 16 13.72 -22.82 15.64
N GLU E 17 13.28 -24.07 15.82
CA GLU E 17 11.88 -24.41 15.60
C GLU E 17 10.97 -23.74 16.63
N GLN E 18 11.43 -23.66 17.88
CA GLN E 18 10.68 -22.97 18.92
C GLN E 18 10.55 -21.48 18.62
N LYS E 19 11.65 -20.84 18.22
CA LYS E 19 11.62 -19.44 17.85
C LYS E 19 10.79 -19.20 16.59
N GLN E 20 10.76 -20.17 15.68
CA GLN E 20 9.94 -20.03 14.48
C GLN E 20 8.46 -20.15 14.82
N MET E 21 8.11 -20.98 15.80
CA MET E 21 6.72 -21.04 16.27
C MET E 21 6.30 -19.74 16.92
N LYS E 22 7.18 -19.15 17.74
CA LYS E 22 6.90 -17.85 18.35
C LYS E 22 6.74 -16.77 17.30
N ASP E 23 7.63 -16.77 16.29
CA ASP E 23 7.55 -15.76 15.25
C ASP E 23 6.34 -15.95 14.36
N PHE E 24 5.90 -17.20 14.16
CA PHE E 24 4.70 -17.38 13.37
C PHE E 24 3.45 -16.99 14.15
N MET E 25 3.45 -17.14 15.47
CA MET E 25 2.33 -16.63 16.25
C MET E 25 2.29 -15.11 16.21
N ARG E 26 3.46 -14.47 16.31
CA ARG E 26 3.53 -13.01 16.20
C ARG E 26 3.11 -12.53 14.82
N LEU E 27 3.52 -13.26 13.78
CA LEU E 27 3.15 -12.92 12.41
C LEU E 27 1.66 -13.11 12.18
N TYR E 28 1.07 -14.14 12.80
CA TYR E 28 -0.36 -14.37 12.67
C TYR E 28 -1.15 -13.27 13.34
N SER E 29 -0.68 -12.80 14.50
CA SER E 29 -1.34 -11.69 15.18
C SER E 29 -1.24 -10.40 14.36
N ASN E 30 -0.07 -10.16 13.75
CA ASN E 30 0.07 -8.98 12.91
C ASN E 30 -0.74 -9.11 11.62
N LEU E 31 -0.91 -10.34 11.13
CA LEU E 31 -1.76 -10.60 9.97
C LEU E 31 -3.21 -10.28 10.25
N VAL E 32 -3.70 -10.72 11.42
CA VAL E 32 -5.07 -10.43 11.83
C VAL E 32 -5.26 -8.93 12.01
N GLU E 33 -4.27 -8.26 12.58
CA GLU E 33 -4.32 -6.81 12.77
C GLU E 33 -4.36 -6.06 11.43
N ARG E 34 -3.54 -6.50 10.46
CA ARG E 34 -3.49 -5.80 9.18
C ARG E 34 -4.76 -6.04 8.38
N CYS E 35 -5.23 -7.29 8.33
CA CYS E 35 -6.45 -7.59 7.58
C CYS E 35 -7.70 -7.01 8.24
N PHE E 36 -7.68 -6.79 9.56
CA PHE E 36 -8.78 -6.07 10.19
C PHE E 36 -8.67 -4.58 9.95
N THR E 37 -7.45 -4.05 9.86
CA THR E 37 -7.29 -2.61 9.68
C THR E 37 -7.66 -2.18 8.26
N ASP E 38 -7.42 -3.06 7.28
CA ASP E 38 -7.59 -2.64 5.89
C ASP E 38 -9.05 -2.47 5.50
N CYS E 39 -9.80 -3.57 5.47
CA CYS E 39 -11.15 -3.46 4.91
C CYS E 39 -12.17 -4.26 5.70
N VAL E 40 -12.22 -4.06 7.02
CA VAL E 40 -13.27 -4.60 7.87
C VAL E 40 -13.91 -3.35 8.49
N ASN E 41 -14.04 -2.30 7.69
CA ASN E 41 -14.45 -0.99 8.20
C ASN E 41 -15.92 -0.68 7.97
N ASP E 42 -16.82 -1.65 8.07
CA ASP E 42 -18.25 -1.40 8.05
C ASP E 42 -18.84 -1.80 9.39
N PHE E 43 -19.34 -0.82 10.14
CA PHE E 43 -19.72 -1.07 11.53
C PHE E 43 -21.22 -0.89 11.78
N THR E 44 -22.04 -0.98 10.74
CA THR E 44 -23.48 -1.00 10.96
C THR E 44 -23.91 -2.33 11.58
N THR E 45 -23.62 -3.43 10.91
CA THR E 45 -23.96 -4.75 11.42
C THR E 45 -22.96 -5.18 12.48
N SER E 46 -23.18 -6.38 13.02
CA SER E 46 -22.30 -6.96 14.02
C SER E 46 -21.65 -8.25 13.55
N LYS E 47 -21.77 -8.58 12.26
CA LYS E 47 -21.16 -9.77 11.70
C LYS E 47 -20.53 -9.42 10.36
N LEU E 48 -19.57 -10.25 9.95
CA LEU E 48 -18.83 -10.02 8.72
C LEU E 48 -19.71 -10.20 7.50
N THR E 49 -19.82 -9.17 6.68
CA THR E 49 -20.59 -9.27 5.44
C THR E 49 -19.79 -10.02 4.38
N ASN E 50 -20.34 -10.07 3.16
CA ASN E 50 -19.67 -10.82 2.10
C ASN E 50 -18.43 -10.11 1.59
N LYS E 51 -18.48 -8.79 1.48
CA LYS E 51 -17.34 -8.02 1.01
C LYS E 51 -16.17 -8.11 1.99
N GLU E 52 -16.46 -8.10 3.28
CA GLU E 52 -15.39 -8.24 4.26
C GLU E 52 -14.85 -9.66 4.31
N GLN E 53 -15.68 -10.65 3.98
CA GLN E 53 -15.17 -12.03 3.93
C GLN E 53 -14.23 -12.22 2.75
N THR E 54 -14.59 -11.65 1.59
CA THR E 54 -13.69 -11.71 0.44
C THR E 54 -12.42 -10.91 0.70
N CYS E 55 -12.54 -9.75 1.36
CA CYS E 55 -11.38 -8.99 1.83
C CYS E 55 -10.46 -9.80 2.73
N ILE E 56 -11.03 -10.52 3.69
CA ILE E 56 -10.21 -11.22 4.65
C ILE E 56 -9.50 -12.40 3.99
N MET E 57 -10.17 -13.08 3.07
CA MET E 57 -9.53 -14.14 2.30
C MET E 57 -8.40 -13.61 1.42
N LYS E 58 -8.67 -12.52 0.68
CA LYS E 58 -7.65 -11.95 -0.21
C LYS E 58 -6.47 -11.38 0.57
N CYS E 59 -6.74 -10.70 1.68
CA CYS E 59 -5.68 -10.11 2.49
C CYS E 59 -4.84 -11.18 3.15
N SER E 60 -5.46 -12.26 3.61
CA SER E 60 -4.71 -13.35 4.22
C SER E 60 -3.81 -14.06 3.21
N GLU E 61 -4.34 -14.34 2.02
CA GLU E 61 -3.52 -15.06 1.05
C GLU E 61 -2.44 -14.16 0.46
N LYS E 62 -2.75 -12.88 0.23
CA LYS E 62 -1.74 -11.95 -0.26
C LYS E 62 -0.67 -11.70 0.80
N PHE E 63 -1.03 -11.71 2.08
CA PHE E 63 -0.06 -11.55 3.13
C PHE E 63 0.85 -12.77 3.24
N LEU E 64 0.31 -13.97 3.06
CA LEU E 64 1.17 -15.16 3.14
C LEU E 64 2.08 -15.27 1.92
N LYS E 65 1.58 -14.91 0.74
CA LYS E 65 2.44 -14.87 -0.45
C LYS E 65 3.52 -13.80 -0.32
N HIS E 66 3.19 -12.67 0.30
CA HIS E 66 4.17 -11.63 0.55
C HIS E 66 5.23 -12.08 1.55
N SER E 67 4.81 -12.80 2.59
CA SER E 67 5.76 -13.29 3.58
C SER E 67 6.71 -14.32 2.99
N GLU E 68 6.20 -15.26 2.18
CA GLU E 68 7.10 -16.25 1.60
C GLU E 68 7.97 -15.66 0.51
N ARG E 69 7.47 -14.63 -0.20
CA ARG E 69 8.28 -13.94 -1.20
C ARG E 69 9.43 -13.20 -0.55
N VAL E 70 9.16 -12.47 0.53
CA VAL E 70 10.21 -11.75 1.24
C VAL E 70 11.17 -12.73 1.92
N GLY E 71 10.69 -13.89 2.35
CA GLY E 71 11.59 -14.89 2.92
C GLY E 71 12.56 -15.46 1.90
N GLN E 72 12.05 -15.84 0.73
CA GLN E 72 12.95 -16.40 -0.28
C GLN E 72 13.85 -15.34 -0.89
N ARG E 73 13.38 -14.09 -1.01
CA ARG E 73 14.25 -13.05 -1.55
C ARG E 73 15.27 -12.59 -0.52
N PHE E 74 14.95 -12.67 0.76
CA PHE E 74 15.95 -12.41 1.80
C PHE E 74 17.00 -13.50 1.82
N GLN E 75 16.61 -14.75 1.56
CA GLN E 75 17.61 -15.81 1.44
C GLN E 75 18.50 -15.59 0.21
N GLU E 76 17.90 -15.17 -0.91
CA GLU E 76 18.69 -14.92 -2.12
C GLU E 76 19.55 -13.67 -2.02
N GLN E 77 19.19 -12.71 -1.17
CA GLN E 77 20.02 -11.53 -0.96
C GLN E 77 21.11 -11.76 0.07
N ASN E 78 20.85 -12.57 1.09
CA ASN E 78 21.89 -12.92 2.03
C ASN E 78 22.86 -13.95 1.46
N ALA E 79 22.45 -14.70 0.43
CA ALA E 79 23.36 -15.64 -0.20
C ALA E 79 24.39 -14.93 -1.07
N ALA E 80 24.00 -13.83 -1.72
CA ALA E 80 24.92 -13.12 -2.60
C ALA E 80 25.94 -12.32 -1.82
N LEU E 81 25.47 -11.33 -1.04
CA LEU E 81 26.29 -10.39 -0.26
C LEU E 81 27.37 -9.69 -1.07
N SER F 15 28.37 -27.25 24.12
CA SER F 15 28.79 -25.90 24.50
C SER F 15 27.60 -24.95 24.55
N GLN F 16 27.25 -24.50 25.76
CA GLN F 16 26.11 -23.62 25.92
C GLN F 16 26.41 -22.20 25.43
N GLU F 17 27.65 -21.72 25.63
CA GLU F 17 27.98 -20.34 25.30
C GLU F 17 27.99 -20.11 23.79
N LYS F 18 28.50 -21.07 23.02
CA LYS F 18 28.43 -20.93 21.57
C LYS F 18 27.00 -21.12 21.08
N LEU F 19 26.21 -21.91 21.82
CA LEU F 19 24.83 -22.14 21.45
C LEU F 19 23.99 -20.88 21.57
N ASP F 20 24.07 -20.18 22.70
CA ASP F 20 23.27 -18.96 22.77
C ASP F 20 23.96 -17.77 22.10
N VAL F 21 25.26 -17.86 21.79
CA VAL F 21 25.84 -16.88 20.86
C VAL F 21 25.20 -17.02 19.48
N ALA F 22 25.06 -18.26 19.01
CA ALA F 22 24.33 -18.50 17.77
C ALA F 22 22.86 -18.15 17.89
N GLY F 23 22.30 -18.29 19.10
CA GLY F 23 20.92 -17.91 19.33
C GLY F 23 20.69 -16.42 19.22
N VAL F 24 21.57 -15.61 19.83
CA VAL F 24 21.41 -14.17 19.69
C VAL F 24 21.80 -13.70 18.29
N GLN F 25 22.65 -14.46 17.59
CA GLN F 25 22.91 -14.12 16.19
C GLN F 25 21.70 -14.42 15.31
N PHE F 26 21.00 -15.51 15.59
CA PHE F 26 19.76 -15.80 14.88
C PHE F 26 18.66 -14.82 15.26
N ASP F 27 18.68 -14.31 16.50
CA ASP F 27 17.73 -13.26 16.87
C ASP F 27 18.04 -11.96 16.15
N ALA F 28 19.32 -11.66 15.95
CA ALA F 28 19.70 -10.47 15.17
C ALA F 28 19.34 -10.64 13.69
N MET F 29 19.36 -11.87 13.18
CA MET F 29 18.86 -12.10 11.84
C MET F 29 17.34 -11.97 11.78
N CYS F 30 16.65 -12.48 12.80
CA CYS F 30 15.20 -12.55 12.80
C CYS F 30 14.57 -11.17 12.96
N SER F 31 15.17 -10.31 13.79
CA SER F 31 14.67 -8.96 13.95
C SER F 31 14.80 -8.16 12.68
N THR F 32 15.93 -8.31 11.98
CA THR F 32 16.12 -7.66 10.70
C THR F 32 15.15 -8.18 9.66
N PHE F 33 14.91 -9.50 9.66
CA PHE F 33 13.99 -10.08 8.68
C PHE F 33 12.56 -9.60 8.92
N ASN F 34 12.14 -9.53 10.18
CA ASN F 34 10.80 -9.03 10.49
C ASN F 34 10.68 -7.55 10.18
N ASN F 35 11.76 -6.79 10.33
CA ASN F 35 11.72 -5.38 9.97
C ASN F 35 11.60 -5.21 8.46
N ILE F 36 12.33 -6.02 7.68
CA ILE F 36 12.22 -6.00 6.22
C ILE F 36 10.81 -6.38 5.79
N LEU F 37 10.24 -7.41 6.42
CA LEU F 37 8.92 -7.90 6.07
C LEU F 37 7.84 -6.87 6.38
N SER F 38 7.91 -6.24 7.54
CA SER F 38 6.90 -5.24 7.90
C SER F 38 7.04 -3.99 7.05
N THR F 39 8.27 -3.57 6.72
CA THR F 39 8.44 -2.35 5.95
C THR F 39 8.03 -2.54 4.50
N CYS F 40 8.42 -3.66 3.89
CA CYS F 40 8.00 -3.91 2.51
C CYS F 40 6.52 -4.31 2.43
N LEU F 41 5.92 -4.72 3.55
CA LEU F 41 4.48 -4.81 3.61
C LEU F 41 3.84 -3.43 3.55
N GLU F 42 4.37 -2.50 4.35
CA GLU F 42 3.76 -1.18 4.46
C GLU F 42 3.93 -0.37 3.18
N LYS F 43 5.07 -0.54 2.49
CA LYS F 43 5.42 0.40 1.43
C LYS F 43 4.60 0.18 0.16
N CYS F 44 4.62 -1.02 -0.42
CA CYS F 44 3.92 -1.19 -1.68
C CYS F 44 3.09 -2.47 -1.71
N ILE F 45 2.31 -2.70 -0.67
CA ILE F 45 1.09 -3.50 -0.80
C ILE F 45 -0.03 -2.49 -0.54
N PRO F 46 -0.99 -2.35 -1.46
CA PRO F 46 -1.89 -1.19 -1.42
C PRO F 46 -2.86 -1.27 -0.25
N HIS F 47 -2.93 -0.16 0.49
CA HIS F 47 -3.76 -0.11 1.69
C HIS F 47 -5.24 -0.02 1.36
N GLU F 48 -5.59 0.33 0.11
CA GLU F 48 -7.00 0.51 -0.23
C GLU F 48 -7.70 -0.82 -0.46
N GLY F 49 -7.27 -1.56 -1.48
CA GLY F 49 -8.01 -2.76 -1.85
C GLY F 49 -7.14 -3.80 -2.51
N PHE F 50 -7.65 -5.03 -2.48
CA PHE F 50 -6.96 -6.18 -3.04
C PHE F 50 -7.81 -6.74 -4.18
N GLY F 51 -7.24 -6.77 -5.39
CA GLY F 51 -7.98 -7.26 -6.53
C GLY F 51 -8.10 -8.76 -6.59
N GLU F 52 -7.15 -9.48 -6.00
CA GLU F 52 -7.10 -10.93 -6.09
C GLU F 52 -6.12 -11.44 -5.04
N PRO F 53 -6.18 -12.73 -4.69
CA PRO F 53 -5.03 -13.36 -4.02
C PRO F 53 -3.98 -13.71 -5.05
N ASP F 54 -2.85 -14.31 -4.62
CA ASP F 54 -1.73 -14.67 -5.48
C ASP F 54 -1.19 -13.43 -6.21
N LEU F 55 -0.54 -12.58 -5.39
CA LEU F 55 -0.13 -11.20 -5.67
C LEU F 55 0.44 -10.99 -7.06
N THR F 56 0.13 -9.83 -7.63
CA THR F 56 0.25 -9.61 -9.07
C THR F 56 1.71 -9.33 -9.46
N LYS F 57 1.89 -8.91 -10.71
CA LYS F 57 3.22 -8.66 -11.24
C LYS F 57 3.85 -7.42 -10.61
N GLY F 58 3.07 -6.35 -10.48
CA GLY F 58 3.60 -5.12 -9.93
C GLY F 58 4.01 -5.22 -8.48
N GLU F 59 3.23 -5.95 -7.69
CA GLU F 59 3.57 -6.15 -6.29
C GLU F 59 4.76 -7.08 -6.13
N GLN F 60 4.92 -8.05 -7.04
CA GLN F 60 6.07 -8.94 -7.01
C GLN F 60 7.36 -8.16 -7.32
N CYS F 61 7.32 -7.34 -8.36
CA CYS F 61 8.48 -6.54 -8.73
C CYS F 61 8.81 -5.52 -7.65
N CYS F 62 7.79 -4.90 -7.07
CA CYS F 62 8.04 -3.93 -6.02
C CYS F 62 8.55 -4.57 -4.75
N ILE F 63 8.13 -5.81 -4.45
CA ILE F 63 8.63 -6.49 -3.26
C ILE F 63 10.09 -6.92 -3.46
N ASP F 64 10.44 -7.33 -4.68
CA ASP F 64 11.84 -7.65 -4.98
C ASP F 64 12.72 -6.41 -4.86
N ARG F 65 12.29 -5.29 -5.43
CA ARG F 65 13.08 -4.07 -5.34
C ARG F 65 13.11 -3.51 -3.91
N CYS F 66 12.03 -3.71 -3.15
CA CYS F 66 11.99 -3.24 -1.77
C CYS F 66 12.92 -4.04 -0.89
N VAL F 67 12.97 -5.36 -1.07
CA VAL F 67 13.86 -6.15 -0.22
C VAL F 67 15.32 -5.93 -0.64
N ALA F 68 15.58 -5.60 -1.92
CA ALA F 68 16.94 -5.27 -2.32
C ALA F 68 17.40 -3.95 -1.70
N LYS F 69 16.59 -2.90 -1.85
CA LYS F 69 16.90 -1.60 -1.25
C LYS F 69 16.99 -1.68 0.25
N MET F 70 16.12 -2.49 0.87
CA MET F 70 16.06 -2.57 2.32
C MET F 70 17.22 -3.35 2.89
N HIS F 71 17.66 -4.42 2.22
CA HIS F 71 18.81 -5.16 2.73
C HIS F 71 20.09 -4.36 2.54
N TYR F 72 20.20 -3.62 1.42
CA TYR F 72 21.36 -2.76 1.25
C TYR F 72 21.37 -1.61 2.24
N SER F 73 20.19 -1.07 2.57
CA SER F 73 20.12 0.00 3.56
C SER F 73 20.42 -0.50 4.97
N ASN F 74 20.01 -1.72 5.29
CA ASN F 74 20.34 -2.29 6.58
C ASN F 74 21.84 -2.54 6.71
N ARG F 75 22.46 -3.01 5.62
CA ARG F 75 23.91 -3.19 5.62
C ARG F 75 24.64 -1.86 5.77
N LEU F 76 24.16 -0.82 5.08
CA LEU F 76 24.78 0.49 5.14
C LEU F 76 24.66 1.12 6.52
N ILE F 77 23.49 1.02 7.15
CA ILE F 77 23.29 1.61 8.46
C ILE F 77 24.02 0.81 9.54
N GLY F 78 24.05 -0.52 9.41
CA GLY F 78 24.82 -1.33 10.34
C GLY F 78 26.31 -1.12 10.21
N GLY F 79 26.78 -0.71 9.03
CA GLY F 79 28.15 -0.28 8.92
C GLY F 79 28.40 1.12 9.47
N PHE F 80 27.44 2.02 9.30
CA PHE F 80 27.63 3.41 9.69
C PHE F 80 27.57 3.60 11.21
N VAL F 81 26.73 2.84 11.91
CA VAL F 81 26.63 3.04 13.35
C VAL F 81 27.82 2.47 14.09
N GLN F 82 28.60 1.60 13.46
CA GLN F 82 29.87 1.20 14.06
C GLN F 82 30.93 2.27 13.85
N THR F 83 30.82 3.03 12.75
CA THR F 83 31.69 4.20 12.58
C THR F 83 31.36 5.27 13.60
N ARG F 84 30.08 5.55 13.80
CA ARG F 84 29.67 6.52 14.80
C ARG F 84 29.64 5.96 16.22
N GLY F 85 30.06 4.72 16.42
CA GLY F 85 30.24 4.19 17.76
C GLY F 85 28.96 3.87 18.51
N PHE F 86 27.85 3.69 17.80
CA PHE F 86 26.59 3.41 18.47
C PHE F 86 26.56 1.99 19.00
N GLY F 87 26.31 1.86 20.30
CA GLY F 87 26.15 0.57 20.92
C GLY F 87 25.22 0.69 22.11
N PRO F 88 25.11 -0.39 22.89
CA PRO F 88 24.29 -0.31 24.11
C PRO F 88 24.92 0.56 25.19
N GLU F 89 26.24 0.63 25.24
CA GLU F 89 26.90 1.43 26.27
C GLU F 89 26.90 2.91 25.93
N ASN F 90 26.87 3.26 24.65
CA ASN F 90 26.96 4.65 24.22
C ASN F 90 25.61 5.31 24.06
N GLN F 91 24.54 4.53 23.94
CA GLN F 91 23.21 5.06 23.70
C GLN F 91 22.26 4.87 24.87
N LEU F 92 22.22 3.67 25.44
CA LEU F 92 21.31 3.37 26.55
C LEU F 92 21.94 3.89 27.85
N ARG F 93 21.79 5.20 28.05
CA ARG F 93 22.28 5.82 29.27
C ARG F 93 21.43 5.45 30.47
N HIS F 94 20.15 5.16 30.25
CA HIS F 94 19.21 4.87 31.34
C HIS F 94 19.45 3.51 31.96
N TYR F 95 20.22 2.63 31.32
CA TYR F 95 20.53 1.35 31.92
C TYR F 95 21.63 1.43 32.97
N SER F 96 22.33 2.56 33.04
CA SER F 96 23.41 2.71 34.01
C SER F 96 22.91 2.88 35.43
N ARG F 97 21.64 3.24 35.60
CA ARG F 97 21.08 3.40 36.94
C ARG F 97 20.93 2.05 37.63
N PHE F 98 20.75 0.98 36.86
CA PHE F 98 20.53 -0.33 37.44
C PHE F 98 21.77 -1.20 37.33
N LYS G 7 23.12 -10.31 46.36
CA LYS G 7 22.66 -11.61 46.83
C LYS G 7 21.78 -12.31 45.80
N GLU G 8 20.77 -11.60 45.29
CA GLU G 8 20.02 -12.04 44.12
C GLU G 8 20.26 -11.12 42.94
N GLN G 9 21.26 -10.25 43.02
CA GLN G 9 21.46 -9.20 42.03
C GLN G 9 22.25 -9.68 40.83
N GLN G 10 22.83 -10.88 40.87
CA GLN G 10 23.58 -11.36 39.73
C GLN G 10 22.64 -11.85 38.62
N GLU G 11 21.61 -12.64 38.97
CA GLU G 11 20.61 -13.02 37.98
C GLU G 11 19.76 -11.82 37.58
N PHE G 12 19.60 -10.86 38.49
CA PHE G 12 18.93 -9.61 38.15
C PHE G 12 19.72 -8.84 37.11
N GLN G 13 21.03 -8.74 37.27
CA GLN G 13 21.83 -8.04 36.26
C GLN G 13 21.95 -8.84 34.98
N LYS G 14 21.81 -10.17 35.05
CA LYS G 14 21.72 -10.96 33.82
C LYS G 14 20.46 -10.64 33.04
N VAL G 15 19.32 -10.51 33.72
CA VAL G 15 18.11 -10.18 32.98
C VAL G 15 18.09 -8.70 32.58
N VAL G 16 18.82 -7.83 33.31
CA VAL G 16 19.02 -6.46 32.84
C VAL G 16 19.85 -6.44 31.56
N GLU G 17 20.89 -7.28 31.48
CA GLU G 17 21.69 -7.35 30.26
C GLU G 17 20.90 -7.92 29.10
N GLN G 18 20.03 -8.91 29.36
CA GLN G 18 19.20 -9.47 28.30
C GLN G 18 18.18 -8.44 27.80
N LYS G 19 17.52 -7.73 28.72
CA LYS G 19 16.60 -6.67 28.35
C LYS G 19 17.31 -5.53 27.64
N GLN G 20 18.56 -5.28 28.00
CA GLN G 20 19.38 -4.26 27.34
C GLN G 20 19.67 -4.65 25.90
N MET G 21 20.01 -5.92 25.67
CA MET G 21 20.28 -6.40 24.30
C MET G 21 19.01 -6.36 23.46
N LYS G 22 17.88 -6.75 24.04
CA LYS G 22 16.61 -6.72 23.31
C LYS G 22 16.20 -5.29 22.97
N ASP G 23 16.36 -4.37 23.92
CA ASP G 23 16.00 -2.98 23.65
C ASP G 23 16.95 -2.32 22.67
N PHE G 24 18.22 -2.72 22.68
CA PHE G 24 19.17 -2.20 21.70
C PHE G 24 18.84 -2.68 20.29
N MET G 25 18.46 -3.96 20.17
CA MET G 25 18.03 -4.47 18.86
C MET G 25 16.75 -3.80 18.39
N ARG G 26 15.82 -3.53 19.31
CA ARG G 26 14.57 -2.86 18.95
C ARG G 26 14.83 -1.42 18.53
N LEU G 27 15.75 -0.74 19.20
CA LEU G 27 16.11 0.62 18.82
C LEU G 27 16.78 0.67 17.47
N TYR G 28 17.67 -0.29 17.19
CA TYR G 28 18.34 -0.34 15.89
C TYR G 28 17.35 -0.63 14.78
N SER G 29 16.40 -1.54 15.03
CA SER G 29 15.39 -1.86 14.02
C SER G 29 14.46 -0.68 13.78
N ASN G 30 14.12 0.07 14.83
CA ASN G 30 13.27 1.24 14.64
C ASN G 30 14.00 2.36 13.91
N LEU G 31 15.30 2.49 14.15
CA LEU G 31 16.14 3.42 13.41
C LEU G 31 16.16 3.09 11.92
N VAL G 32 16.42 1.83 11.59
CA VAL G 32 16.49 1.42 10.18
C VAL G 32 15.12 1.54 9.53
N GLU G 33 14.05 1.25 10.29
CA GLU G 33 12.68 1.35 9.76
C GLU G 33 12.30 2.78 9.43
N ARG G 34 12.60 3.72 10.34
CA ARG G 34 12.26 5.12 10.08
C ARG G 34 13.12 5.70 8.96
N CYS G 35 14.43 5.43 8.97
CA CYS G 35 15.31 5.99 7.96
C CYS G 35 15.09 5.39 6.59
N PHE G 36 14.60 4.15 6.52
CA PHE G 36 14.15 3.63 5.24
C PHE G 36 12.85 4.30 4.83
N THR G 37 11.82 4.20 5.68
CA THR G 37 10.45 4.53 5.30
C THR G 37 10.28 6.02 4.98
N ASP G 38 11.21 6.85 5.46
CA ASP G 38 11.11 8.29 5.22
C ASP G 38 11.47 8.67 3.77
N CYS G 39 12.59 8.19 3.23
CA CYS G 39 13.00 8.66 1.90
C CYS G 39 13.45 7.53 0.97
N VAL G 40 12.64 6.47 0.83
CA VAL G 40 12.86 5.54 -0.28
C VAL G 40 11.61 5.42 -1.13
N ASN G 41 10.79 6.45 -1.16
CA ASN G 41 9.40 6.41 -1.65
C ASN G 41 9.26 6.12 -3.18
N ASP G 42 10.28 5.85 -3.98
CA ASP G 42 10.11 5.48 -5.38
C ASP G 42 10.83 4.15 -5.60
N PHE G 43 10.07 3.11 -5.93
CA PHE G 43 10.61 1.77 -6.07
C PHE G 43 10.67 1.32 -7.53
N THR G 44 10.88 2.25 -8.45
CA THR G 44 11.05 1.87 -9.85
C THR G 44 12.37 1.14 -10.05
N THR G 45 13.47 1.72 -9.55
CA THR G 45 14.77 1.09 -9.62
C THR G 45 14.88 -0.03 -8.59
N SER G 46 15.97 -0.78 -8.66
CA SER G 46 16.26 -1.82 -7.67
C SER G 46 17.54 -1.55 -6.91
N LYS G 47 18.12 -0.36 -7.06
CA LYS G 47 19.34 -0.02 -6.35
C LYS G 47 19.29 1.45 -5.99
N LEU G 48 19.83 1.78 -4.82
CA LEU G 48 19.68 3.10 -4.24
C LEU G 48 20.43 4.15 -5.04
N THR G 49 19.80 5.30 -5.22
CA THR G 49 20.45 6.41 -5.90
C THR G 49 21.44 7.08 -4.95
N ASN G 50 22.11 8.11 -5.45
CA ASN G 50 23.00 8.88 -4.59
C ASN G 50 22.21 9.73 -3.62
N LYS G 51 21.08 10.29 -4.07
CA LYS G 51 20.29 11.18 -3.24
C LYS G 51 19.66 10.44 -2.06
N GLU G 52 19.12 9.25 -2.31
CA GLU G 52 18.51 8.49 -1.24
C GLU G 52 19.55 7.92 -0.29
N GLN G 53 20.76 7.65 -0.78
CA GLN G 53 21.81 7.16 0.10
C GLN G 53 22.33 8.26 1.02
N THR G 54 22.49 9.48 0.48
CA THR G 54 22.82 10.62 1.33
C THR G 54 21.68 10.95 2.29
N CYS G 55 20.42 10.80 1.87
CA CYS G 55 19.28 10.99 2.76
C CYS G 55 19.29 9.98 3.91
N ILE G 56 19.61 8.73 3.61
CA ILE G 56 19.61 7.70 4.64
C ILE G 56 20.75 7.92 5.63
N MET G 57 21.93 8.33 5.13
CA MET G 57 23.04 8.63 6.03
C MET G 57 22.73 9.85 6.91
N LYS G 58 22.10 10.87 6.33
CA LYS G 58 21.66 12.03 7.11
C LYS G 58 20.64 11.65 8.17
N CYS G 59 19.69 10.78 7.82
CA CYS G 59 18.68 10.34 8.77
C CYS G 59 19.29 9.56 9.92
N SER G 60 20.24 8.68 9.62
CA SER G 60 20.85 7.88 10.68
C SER G 60 21.69 8.74 11.60
N GLU G 61 22.41 9.73 11.04
CA GLU G 61 23.17 10.65 11.88
C GLU G 61 22.26 11.51 12.75
N LYS G 62 21.16 11.99 12.17
CA LYS G 62 20.22 12.84 12.90
C LYS G 62 19.52 12.07 13.99
N PHE G 63 19.13 10.82 13.72
CA PHE G 63 18.49 10.00 14.73
C PHE G 63 19.46 9.61 15.83
N LEU G 64 20.74 9.40 15.50
CA LEU G 64 21.71 9.05 16.53
C LEU G 64 21.94 10.22 17.49
N LYS G 65 22.17 11.42 16.94
CA LYS G 65 22.38 12.55 17.85
C LYS G 65 21.08 13.00 18.52
N HIS G 66 19.92 12.75 17.89
CA HIS G 66 18.64 13.02 18.53
C HIS G 66 18.41 12.08 19.70
N SER G 67 18.77 10.80 19.53
CA SER G 67 18.66 9.86 20.63
C SER G 67 19.62 10.20 21.76
N GLU G 68 20.81 10.69 21.44
CA GLU G 68 21.74 11.12 22.49
C GLU G 68 21.21 12.34 23.23
N ARG G 69 20.64 13.30 22.50
CA ARG G 69 20.08 14.49 23.12
C ARG G 69 18.89 14.16 24.02
N VAL G 70 18.00 13.28 23.54
CA VAL G 70 16.84 12.85 24.33
C VAL G 70 17.29 12.06 25.55
N GLY G 71 18.33 11.23 25.42
CA GLY G 71 18.85 10.52 26.58
C GLY G 71 19.45 11.45 27.62
N GLN G 72 20.11 12.51 27.17
CA GLN G 72 20.67 13.49 28.11
C GLN G 72 19.57 14.26 28.85
N ARG G 73 18.56 14.74 28.12
CA ARG G 73 17.48 15.48 28.78
C ARG G 73 16.61 14.58 29.64
N PHE G 74 16.45 13.32 29.24
CA PHE G 74 15.73 12.35 30.04
C PHE G 74 16.49 12.04 31.32
N GLN G 75 17.82 11.98 31.24
CA GLN G 75 18.62 11.77 32.44
C GLN G 75 18.54 12.95 33.39
N GLU G 76 18.58 14.17 32.86
CA GLU G 76 18.54 15.33 33.75
C GLU G 76 17.14 15.58 34.32
N GLN G 77 16.08 15.11 33.65
CA GLN G 77 14.75 15.25 34.24
C GLN G 77 14.33 14.02 35.04
N ASN G 78 15.07 12.92 34.94
CA ASN G 78 14.86 11.81 35.86
C ASN G 78 15.69 11.96 37.14
N ALA G 79 16.82 12.66 37.05
CA ALA G 79 17.61 12.92 38.26
C ALA G 79 16.93 13.95 39.16
N ALA G 80 16.16 14.86 38.58
CA ALA G 80 15.44 15.87 39.35
C ALA G 80 14.11 15.33 39.85
N SER H 14 8.83 -11.71 49.11
CA SER H 14 9.80 -12.78 48.91
C SER H 14 10.75 -12.45 47.77
N SER H 15 11.49 -13.46 47.33
CA SER H 15 12.48 -13.26 46.27
C SER H 15 11.82 -12.94 44.93
N GLN H 16 10.74 -13.66 44.60
CA GLN H 16 10.03 -13.35 43.36
C GLN H 16 9.31 -12.01 43.44
N GLN H 17 8.86 -11.62 44.64
CA GLN H 17 8.25 -10.31 44.81
C GLN H 17 9.25 -9.18 44.62
N LYS H 18 10.44 -9.29 45.24
CA LYS H 18 11.42 -8.24 45.10
C LYS H 18 12.02 -8.21 43.70
N ILE H 19 12.14 -9.36 43.04
CA ILE H 19 12.67 -9.33 41.68
C ILE H 19 11.60 -8.85 40.70
N GLN H 20 10.31 -9.03 41.03
CA GLN H 20 9.27 -8.47 40.17
C GLN H 20 9.19 -6.95 40.32
N ALA H 21 9.36 -6.45 41.54
CA ALA H 21 9.40 -5.01 41.75
C ALA H 21 10.62 -4.39 41.08
N ALA H 22 11.78 -5.04 41.20
CA ALA H 22 12.99 -4.54 40.56
C ALA H 22 12.93 -4.67 39.05
N GLU H 23 12.16 -5.62 38.51
CA GLU H 23 11.96 -5.69 37.07
C GLU H 23 11.02 -4.60 36.60
N ALA H 24 9.94 -4.33 37.35
CA ALA H 24 8.95 -3.34 36.93
C ALA H 24 9.51 -1.94 37.01
N GLU H 25 10.37 -1.66 38.01
CA GLU H 25 10.93 -0.32 38.17
C GLU H 25 11.90 0.05 37.06
N LEU H 26 12.41 -0.93 36.31
CA LEU H 26 13.20 -0.66 35.12
C LEU H 26 12.41 -0.80 33.83
N ASP H 27 11.39 -1.66 33.82
CA ASP H 27 10.54 -1.81 32.64
C ASP H 27 9.76 -0.53 32.38
N LEU H 28 9.31 0.13 33.46
CA LEU H 28 8.60 1.40 33.32
C LEU H 28 9.49 2.48 32.70
N VAL H 29 10.71 2.63 33.22
CA VAL H 29 11.59 3.67 32.73
C VAL H 29 12.10 3.35 31.32
N THR H 30 12.25 2.07 31.00
CA THR H 30 12.67 1.68 29.66
C THR H 30 11.61 1.96 28.62
N ASP H 31 10.36 1.57 28.91
CA ASP H 31 9.27 1.84 27.97
C ASP H 31 8.99 3.34 27.86
N MET H 32 9.18 4.08 28.96
CA MET H 32 9.03 5.53 28.89
C MET H 32 10.09 6.15 28.00
N PHE H 33 11.33 5.65 28.08
CA PHE H 33 12.38 6.18 27.22
C PHE H 33 12.12 5.86 25.75
N ASN H 34 11.66 4.63 25.47
CA ASN H 34 11.39 4.23 24.09
C ASN H 34 10.27 5.04 23.47
N LYS H 35 9.15 5.19 24.21
CA LYS H 35 8.04 5.99 23.71
C LYS H 35 8.41 7.46 23.62
N LEU H 36 9.29 7.93 24.50
CA LEU H 36 9.77 9.30 24.45
C LEU H 36 10.55 9.58 23.17
N VAL H 37 11.48 8.67 22.84
CA VAL H 37 12.29 8.81 21.63
C VAL H 37 11.40 8.78 20.39
N ASN H 38 10.46 7.82 20.34
CA ASN H 38 9.62 7.68 19.16
C ASN H 38 8.69 8.87 18.96
N ASN H 39 8.02 9.31 20.04
CA ASN H 39 7.05 10.40 19.89
C ASN H 39 7.75 11.73 19.67
N CYS H 40 8.89 11.97 20.33
CA CYS H 40 9.60 13.21 20.08
C CYS H 40 10.29 13.22 18.72
N TYR H 41 10.57 12.05 18.14
CA TYR H 41 11.04 12.04 16.77
C TYR H 41 9.90 12.22 15.78
N LYS H 42 8.69 11.81 16.15
CA LYS H 42 7.54 12.05 15.29
C LYS H 42 7.17 13.52 15.26
N LYS H 43 7.15 14.17 16.43
CA LYS H 43 6.54 15.49 16.55
C LYS H 43 7.43 16.60 15.99
N CYS H 44 8.73 16.56 16.30
CA CYS H 44 9.63 17.68 16.03
C CYS H 44 10.40 17.56 14.72
N ILE H 45 11.03 16.41 14.47
CA ILE H 45 12.03 16.28 13.41
C ILE H 45 11.36 16.37 12.04
N ASN H 46 11.82 17.31 11.22
CA ASN H 46 11.36 17.42 9.84
C ASN H 46 11.79 16.20 9.05
N THR H 47 10.86 15.64 8.28
CA THR H 47 11.13 14.44 7.50
C THR H 47 12.00 14.71 6.29
N SER H 48 12.01 15.94 5.78
CA SER H 48 12.87 16.30 4.65
C SER H 48 14.27 16.57 5.19
N TYR H 49 15.18 15.62 4.98
CA TYR H 49 16.53 15.74 5.50
C TYR H 49 17.37 16.63 4.61
N SER H 50 18.01 17.63 5.22
CA SER H 50 18.87 18.54 4.49
C SER H 50 20.28 18.52 5.08
N GLU H 51 20.38 18.17 6.36
CA GLU H 51 21.67 18.04 7.03
C GLU H 51 21.55 17.04 8.16
N GLY H 52 22.68 16.47 8.55
CA GLY H 52 22.70 15.45 9.58
C GLY H 52 22.63 15.95 11.00
N GLU H 53 22.64 17.26 11.20
CA GLU H 53 22.58 17.85 12.54
C GLU H 53 21.24 18.56 12.73
N LEU H 54 20.80 18.67 13.97
CA LEU H 54 19.55 19.36 14.24
C LEU H 54 19.75 20.87 14.22
N ASN H 55 18.71 21.58 13.83
CA ASN H 55 18.77 23.03 13.82
C ASN H 55 18.61 23.58 15.24
N LYS H 56 18.72 24.91 15.35
CA LYS H 56 18.55 25.57 16.64
C LYS H 56 17.10 25.54 17.09
N ASN H 57 16.17 25.43 16.14
CA ASN H 57 14.76 25.29 16.50
C ASN H 57 14.47 23.88 17.00
N GLU H 58 15.05 22.87 16.35
CA GLU H 58 14.81 21.49 16.74
C GLU H 58 15.42 21.17 18.09
N SER H 59 16.58 21.76 18.40
CA SER H 59 17.25 21.46 19.66
C SER H 59 16.47 22.02 20.85
N SER H 60 15.72 23.11 20.64
CA SER H 60 14.85 23.63 21.69
C SER H 60 13.52 22.90 21.74
N CYS H 61 12.97 22.52 20.57
CA CYS H 61 11.68 21.85 20.57
C CYS H 61 11.79 20.44 21.11
N LEU H 62 12.97 19.81 21.04
CA LEU H 62 13.16 18.53 21.69
C LEU H 62 13.12 18.64 23.21
N ASP H 63 13.72 19.71 23.76
CA ASP H 63 13.67 19.92 25.19
C ASP H 63 12.24 20.22 25.65
N ARG H 64 11.52 21.01 24.85
CA ARG H 64 10.10 21.22 25.12
C ARG H 64 9.30 19.94 24.98
N CYS H 65 9.72 19.04 24.09
CA CYS H 65 9.03 17.79 23.88
C CYS H 65 9.18 16.85 25.07
N VAL H 66 10.40 16.71 25.60
CA VAL H 66 10.60 15.83 26.75
C VAL H 66 9.97 16.44 28.01
N ALA H 67 9.98 17.78 28.11
CA ALA H 67 9.30 18.44 29.24
C ALA H 67 7.80 18.22 29.20
N LYS H 68 7.19 18.44 28.02
CA LYS H 68 5.76 18.21 27.87
C LYS H 68 5.40 16.74 28.03
N TYR H 69 6.31 15.83 27.67
CA TYR H 69 6.03 14.41 27.89
C TYR H 69 5.98 14.07 29.37
N PHE H 70 6.91 14.62 30.15
CA PHE H 70 6.85 14.36 31.59
C PHE H 70 5.65 15.02 32.24
N GLU H 71 5.22 16.18 31.71
CA GLU H 71 4.00 16.81 32.23
C GLU H 71 2.77 15.98 31.91
N THR H 72 2.71 15.40 30.70
CA THR H 72 1.60 14.51 30.36
C THR H 72 1.61 13.27 31.23
N ASN H 73 2.80 12.77 31.56
CA ASN H 73 2.91 11.59 32.42
C ASN H 73 2.36 11.87 33.81
N VAL H 74 2.73 13.03 34.40
CA VAL H 74 2.27 13.30 35.76
C VAL H 74 0.78 13.67 35.77
N GLN H 75 0.28 14.31 34.70
CA GLN H 75 -1.15 14.61 34.64
C GLN H 75 -1.99 13.35 34.46
N VAL H 76 -1.50 12.41 33.65
CA VAL H 76 -2.23 11.16 33.44
C VAL H 76 -2.16 10.31 34.71
N GLY H 77 -1.05 10.37 35.44
CA GLY H 77 -0.99 9.70 36.73
C GLY H 77 -1.97 10.26 37.74
N GLU H 78 -2.10 11.58 37.79
CA GLU H 78 -3.08 12.20 38.68
C GLU H 78 -4.52 11.90 38.25
N ASN H 79 -4.76 11.83 36.94
CA ASN H 79 -6.13 11.56 36.47
C ASN H 79 -6.52 10.10 36.70
N MET H 80 -5.57 9.18 36.54
CA MET H 80 -5.87 7.78 36.84
C MET H 80 -5.95 7.52 38.33
N GLN H 81 -5.27 8.33 39.15
CA GLN H 81 -5.52 8.25 40.59
C GLN H 81 -6.86 8.90 40.95
N LYS H 82 -7.33 9.82 40.11
CA LYS H 82 -8.55 10.57 40.42
C LYS H 82 -9.78 9.69 40.34
N MET H 83 -10.08 9.16 39.16
CA MET H 83 -11.30 8.37 38.99
C MET H 83 -11.06 6.88 39.12
N GLY H 84 -9.84 6.41 38.87
CA GLY H 84 -9.52 5.02 39.09
C GLY H 84 -9.30 4.73 40.56
N GLN H 85 -9.68 3.53 40.98
CA GLN H 85 -9.51 3.13 42.36
C GLN H 85 -8.03 2.79 42.63
N SER H 86 -7.69 2.77 43.91
CA SER H 86 -6.37 2.38 44.37
C SER H 86 -6.42 0.91 44.75
N PHE H 87 -5.85 0.06 43.91
CA PHE H 87 -5.86 -1.37 44.14
C PHE H 87 -4.61 -2.01 43.53
N ASP I 2 -3.66 -23.84 30.66
CA ASP I 2 -4.82 -24.53 30.15
C ASP I 2 -5.48 -25.37 31.24
N ALA I 3 -5.40 -26.69 31.09
CA ALA I 3 -6.01 -27.63 32.03
C ALA I 3 -4.90 -28.33 32.80
N LEU I 4 -4.93 -28.21 34.12
CA LEU I 4 -3.87 -28.69 34.97
C LEU I 4 -4.45 -29.01 36.35
N ASN I 5 -3.57 -29.19 37.33
CA ASN I 5 -3.99 -29.68 38.64
C ASN I 5 -4.77 -28.63 39.41
N SER I 6 -5.66 -29.09 40.29
CA SER I 6 -6.56 -28.19 41.00
C SER I 6 -5.85 -27.48 42.15
N LYS I 7 -4.76 -28.07 42.65
CA LYS I 7 -3.99 -27.40 43.69
C LYS I 7 -3.17 -26.26 43.11
N GLU I 8 -2.84 -26.34 41.82
CA GLU I 8 -1.96 -25.35 41.21
C GLU I 8 -2.74 -24.17 40.63
N GLN I 9 -4.05 -24.10 40.86
CA GLN I 9 -4.83 -22.95 40.42
C GLN I 9 -4.47 -21.69 41.19
N GLN I 10 -3.95 -21.81 42.42
CA GLN I 10 -3.70 -20.64 43.25
C GLN I 10 -2.44 -19.90 42.79
N GLU I 11 -1.37 -20.64 42.51
CA GLU I 11 -0.17 -20.02 41.95
C GLU I 11 -0.43 -19.51 40.54
N PHE I 12 -1.33 -20.19 39.82
CA PHE I 12 -1.84 -19.70 38.54
C PHE I 12 -2.55 -18.36 38.72
N GLN I 13 -3.30 -18.20 39.81
CA GLN I 13 -3.96 -16.92 40.07
C GLN I 13 -2.94 -15.85 40.49
N LYS I 14 -1.87 -16.26 41.17
CA LYS I 14 -0.80 -15.33 41.50
C LYS I 14 -0.11 -14.78 40.26
N VAL I 15 0.23 -15.68 39.31
CA VAL I 15 0.88 -15.20 38.09
C VAL I 15 -0.12 -14.48 37.18
N VAL I 16 -1.42 -14.78 37.31
CA VAL I 16 -2.45 -13.99 36.66
C VAL I 16 -2.45 -12.57 37.19
N GLU I 17 -2.32 -12.42 38.52
CA GLU I 17 -2.27 -11.10 39.14
C GLU I 17 -1.02 -10.33 38.72
N GLN I 18 0.10 -11.03 38.61
CA GLN I 18 1.35 -10.39 38.16
C GLN I 18 1.25 -9.94 36.71
N LYS I 19 0.66 -10.78 35.85
CA LYS I 19 0.41 -10.39 34.47
C LYS I 19 -0.55 -9.21 34.39
N GLN I 20 -1.53 -9.16 35.30
CA GLN I 20 -2.50 -8.08 35.29
C GLN I 20 -1.86 -6.75 35.67
N MET I 21 -1.00 -6.75 36.69
CA MET I 21 -0.36 -5.47 37.06
C MET I 21 0.69 -5.04 36.05
N LYS I 22 1.38 -6.01 35.41
CA LYS I 22 2.32 -5.64 34.37
C LYS I 22 1.60 -5.07 33.14
N ASP I 23 0.48 -5.67 32.76
CA ASP I 23 -0.33 -5.12 31.68
C ASP I 23 -0.97 -3.80 32.06
N PHE I 24 -1.23 -3.60 33.36
CA PHE I 24 -1.75 -2.32 33.82
C PHE I 24 -0.72 -1.21 33.66
N MET I 25 0.53 -1.49 33.99
CA MET I 25 1.59 -0.49 33.79
C MET I 25 1.82 -0.25 32.30
N ARG I 26 1.73 -1.30 31.48
CA ARG I 26 1.84 -1.15 30.04
C ARG I 26 0.70 -0.29 29.48
N LEU I 27 -0.51 -0.47 30.01
CA LEU I 27 -1.65 0.34 29.59
C LEU I 27 -1.49 1.78 30.01
N TYR I 28 -0.90 2.00 31.20
CA TYR I 28 -0.59 3.34 31.67
C TYR I 28 0.36 4.06 30.72
N SER I 29 1.47 3.39 30.36
CA SER I 29 2.44 3.98 29.44
C SER I 29 1.85 4.20 28.05
N ASN I 30 0.98 3.29 27.60
CA ASN I 30 0.36 3.44 26.30
C ASN I 30 -0.62 4.61 26.28
N LEU I 31 -1.30 4.85 27.41
CA LEU I 31 -2.21 5.99 27.49
C LEU I 31 -1.44 7.31 27.48
N VAL I 32 -0.30 7.35 28.19
CA VAL I 32 0.57 8.52 28.15
C VAL I 32 1.06 8.78 26.74
N GLU I 33 1.45 7.72 26.02
CA GLU I 33 1.89 7.88 24.63
C GLU I 33 0.75 8.36 23.73
N ARG I 34 -0.48 7.87 23.98
CA ARG I 34 -1.62 8.19 23.13
C ARG I 34 -1.98 9.67 23.22
N CYS I 35 -2.30 10.16 24.42
CA CYS I 35 -2.58 11.58 24.48
C CYS I 35 -1.36 12.47 24.67
N PHE I 36 -0.14 11.93 24.54
CA PHE I 36 0.94 12.82 24.13
C PHE I 36 0.92 12.98 22.61
N THR I 37 0.52 11.95 21.90
CA THR I 37 0.53 11.98 20.44
C THR I 37 -0.60 12.81 19.87
N ASP I 38 -1.78 12.50 20.37
CA ASP I 38 -3.04 13.09 19.96
C ASP I 38 -3.28 14.54 20.26
N CYS I 39 -2.97 14.94 21.48
CA CYS I 39 -3.28 16.29 21.93
C CYS I 39 -2.20 17.30 22.27
N VAL I 40 -0.94 17.05 21.96
CA VAL I 40 0.08 18.02 22.31
C VAL I 40 0.91 18.33 21.10
N ASN I 41 0.32 19.09 20.20
CA ASN I 41 1.01 19.43 18.95
C ASN I 41 1.78 20.74 19.03
N ASP I 42 1.56 21.56 20.05
CA ASP I 42 2.24 22.86 20.16
C ASP I 42 3.53 22.72 20.95
N PHE I 43 4.60 23.36 20.48
CA PHE I 43 5.91 23.21 21.08
C PHE I 43 6.60 24.56 21.22
N THR I 44 5.90 25.55 21.77
CA THR I 44 6.53 26.84 22.03
C THR I 44 6.92 27.04 23.48
N THR I 45 6.24 26.39 24.42
CA THR I 45 6.54 26.51 25.84
C THR I 45 7.09 25.18 26.35
N SER I 46 7.50 25.19 27.61
CA SER I 46 7.87 23.97 28.31
C SER I 46 6.80 23.51 29.28
N LYS I 47 5.65 24.18 29.30
CA LYS I 47 4.51 23.80 30.11
C LYS I 47 3.31 23.59 29.20
N LEU I 48 2.26 23.01 29.78
CA LEU I 48 1.08 22.61 29.01
C LEU I 48 0.05 23.72 28.99
N THR I 49 -0.49 23.99 27.80
CA THR I 49 -1.63 24.88 27.66
C THR I 49 -2.85 24.26 28.33
N ASN I 50 -3.74 25.12 28.86
CA ASN I 50 -4.92 24.64 29.56
C ASN I 50 -5.89 23.95 28.61
N LYS I 51 -5.91 24.37 27.34
CA LYS I 51 -6.69 23.64 26.33
C LYS I 51 -6.14 22.24 26.12
N GLU I 52 -4.82 22.11 25.99
CA GLU I 52 -4.22 20.79 25.91
C GLU I 52 -4.28 20.05 27.23
N GLN I 53 -4.38 20.77 28.36
CA GLN I 53 -4.65 20.12 29.64
C GLN I 53 -6.01 19.43 29.61
N THR I 54 -7.03 20.17 29.21
CA THR I 54 -8.34 19.61 29.24
C THR I 54 -8.37 18.39 28.35
N CYS I 55 -7.71 18.46 27.21
CA CYS I 55 -7.70 17.33 26.32
C CYS I 55 -7.07 16.15 26.99
N ILE I 56 -5.95 16.32 27.68
CA ILE I 56 -5.36 15.17 28.33
C ILE I 56 -6.27 14.63 29.39
N MET I 57 -7.16 15.46 29.87
CA MET I 57 -8.28 15.00 30.70
C MET I 57 -9.25 14.12 29.89
N LYS I 58 -9.65 14.61 28.72
CA LYS I 58 -10.63 13.90 27.91
C LYS I 58 -10.07 12.62 27.33
N CYS I 59 -8.79 12.62 26.94
CA CYS I 59 -8.15 11.38 26.49
C CYS I 59 -8.05 10.35 27.60
N SER I 60 -7.67 10.78 28.81
CA SER I 60 -7.53 9.84 29.91
C SER I 60 -8.86 9.17 30.23
N GLU I 61 -9.92 9.97 30.37
CA GLU I 61 -11.22 9.40 30.68
C GLU I 61 -11.76 8.55 29.53
N LYS I 62 -11.57 8.99 28.28
CA LYS I 62 -12.17 8.32 27.15
C LYS I 62 -11.47 7.00 26.86
N PHE I 63 -10.15 6.99 26.92
CA PHE I 63 -9.43 5.76 26.69
C PHE I 63 -9.59 4.78 27.85
N LEU I 64 -9.74 5.26 29.09
CA LEU I 64 -9.90 4.28 30.15
C LEU I 64 -11.31 3.68 30.17
N LYS I 65 -12.34 4.49 29.90
CA LYS I 65 -13.69 3.93 29.77
C LYS I 65 -13.81 3.04 28.53
N HIS I 66 -13.13 3.43 27.45
CA HIS I 66 -13.03 2.62 26.24
C HIS I 66 -12.37 1.27 26.53
N SER I 67 -11.27 1.28 27.28
CA SER I 67 -10.59 0.03 27.61
C SER I 67 -11.44 -0.85 28.51
N GLU I 68 -12.21 -0.27 29.43
CA GLU I 68 -13.06 -1.11 30.26
C GLU I 68 -14.25 -1.67 29.50
N ARG I 69 -14.82 -0.90 28.57
CA ARG I 69 -15.92 -1.41 27.74
C ARG I 69 -15.44 -2.51 26.81
N VAL I 70 -14.27 -2.34 26.21
CA VAL I 70 -13.71 -3.37 25.33
C VAL I 70 -13.28 -4.60 26.14
N GLY I 71 -12.83 -4.42 27.38
CA GLY I 71 -12.53 -5.57 28.22
C GLY I 71 -13.77 -6.34 28.62
N GLN I 72 -14.86 -5.64 28.89
CA GLN I 72 -16.12 -6.31 29.19
C GLN I 72 -16.66 -7.07 27.99
N ARG I 73 -16.61 -6.44 26.79
CA ARG I 73 -17.03 -7.14 25.58
C ARG I 73 -16.10 -8.28 25.22
N PHE I 74 -14.82 -8.18 25.60
CA PHE I 74 -13.88 -9.26 25.38
C PHE I 74 -14.22 -10.46 26.24
N GLN I 75 -14.54 -10.22 27.52
CA GLN I 75 -14.98 -11.31 28.39
C GLN I 75 -16.28 -11.92 27.90
N GLU I 76 -17.18 -11.07 27.37
CA GLU I 76 -18.45 -11.54 26.84
C GLU I 76 -18.26 -12.39 25.59
N GLN I 77 -17.36 -11.98 24.69
CA GLN I 77 -17.12 -12.72 23.45
C GLN I 77 -16.31 -13.98 23.69
N ASN I 78 -15.37 -13.95 24.63
CA ASN I 78 -14.59 -15.14 24.93
C ASN I 78 -15.31 -16.07 25.88
N ALA I 79 -16.45 -15.66 26.43
CA ALA I 79 -17.30 -16.60 27.16
C ALA I 79 -17.88 -17.67 26.24
N ALA I 80 -18.21 -17.29 25.01
CA ALA I 80 -18.79 -18.24 24.07
C ALA I 80 -17.74 -19.21 23.53
N LEU I 81 -16.71 -18.68 22.89
CA LEU I 81 -15.66 -19.51 22.32
C LEU I 81 -14.73 -20.06 23.40
N SER J 14 5.51 -31.20 34.52
CA SER J 14 5.66 -30.72 35.90
C SER J 14 4.92 -29.41 36.11
N SER J 15 5.01 -28.89 37.33
CA SER J 15 4.30 -27.67 37.69
C SER J 15 4.83 -26.46 36.93
N GLN J 16 6.15 -26.34 36.80
CA GLN J 16 6.75 -25.23 36.08
C GLN J 16 6.41 -25.29 34.59
N GLN J 17 6.41 -26.50 34.01
CA GLN J 17 6.05 -26.67 32.61
C GLN J 17 4.59 -26.31 32.36
N LYS J 18 3.70 -26.74 33.26
CA LYS J 18 2.28 -26.43 33.13
C LYS J 18 2.02 -24.94 33.32
N ILE J 19 2.76 -24.31 34.23
CA ILE J 19 2.62 -22.87 34.46
C ILE J 19 3.08 -22.08 33.25
N GLN J 20 4.18 -22.50 32.61
CA GLN J 20 4.63 -21.80 31.41
C GLN J 20 3.68 -22.04 30.23
N ALA J 21 3.13 -23.26 30.13
CA ALA J 21 2.16 -23.54 29.08
C ALA J 21 0.86 -22.77 29.27
N ALA J 22 0.51 -22.47 30.51
CA ALA J 22 -0.64 -21.59 30.75
C ALA J 22 -0.29 -20.13 30.51
N GLU J 23 0.93 -19.74 30.86
CA GLU J 23 1.35 -18.34 30.73
C GLU J 23 1.47 -17.93 29.27
N ALA J 24 1.82 -18.88 28.39
CA ALA J 24 1.83 -18.60 26.96
C ALA J 24 0.43 -18.27 26.45
N GLU J 25 -0.57 -19.03 26.90
CA GLU J 25 -1.96 -18.74 26.57
C GLU J 25 -2.40 -17.40 27.15
N LEU J 26 -1.96 -17.09 28.37
CA LEU J 26 -2.33 -15.83 29.02
C LEU J 26 -1.80 -14.63 28.26
N ASP J 27 -0.50 -14.60 27.98
CA ASP J 27 -0.01 -13.40 27.29
C ASP J 27 -0.34 -13.38 25.81
N LEU J 28 -0.69 -14.54 25.21
CA LEU J 28 -1.28 -14.54 23.88
C LEU J 28 -2.63 -13.82 23.88
N VAL J 29 -3.49 -14.18 24.83
CA VAL J 29 -4.78 -13.50 24.97
C VAL J 29 -4.58 -12.03 25.33
N THR J 30 -3.53 -11.73 26.10
CA THR J 30 -3.25 -10.35 26.50
C THR J 30 -2.84 -9.48 25.31
N ASP J 31 -1.96 -9.97 24.44
CA ASP J 31 -1.55 -9.13 23.31
C ASP J 31 -2.66 -9.06 22.26
N MET J 32 -3.49 -10.11 22.17
CA MET J 32 -4.71 -10.01 21.37
C MET J 32 -5.61 -8.90 21.89
N PHE J 33 -5.75 -8.79 23.21
CA PHE J 33 -6.57 -7.74 23.80
C PHE J 33 -5.96 -6.36 23.56
N ASN J 34 -4.64 -6.25 23.60
CA ASN J 34 -3.99 -4.97 23.38
C ASN J 34 -4.19 -4.48 21.94
N LYS J 35 -3.99 -5.38 20.97
CA LYS J 35 -4.23 -5.02 19.58
C LYS J 35 -5.71 -4.76 19.32
N LEU J 36 -6.59 -5.44 20.04
CA LEU J 36 -8.03 -5.20 19.93
C LEU J 36 -8.39 -3.80 20.40
N VAL J 37 -7.86 -3.39 21.55
CA VAL J 37 -8.12 -2.07 22.10
C VAL J 37 -7.61 -1.00 21.16
N ASN J 38 -6.39 -1.18 20.63
CA ASN J 38 -5.81 -0.18 19.75
C ASN J 38 -6.58 -0.06 18.43
N ASN J 39 -6.99 -1.20 17.84
CA ASN J 39 -7.70 -1.15 16.57
C ASN J 39 -9.10 -0.57 16.73
N CYS J 40 -9.85 -1.03 17.73
CA CYS J 40 -11.18 -0.49 17.93
C CYS J 40 -11.17 0.93 18.46
N TYR J 41 -10.05 1.40 19.01
CA TYR J 41 -9.92 2.83 19.26
C TYR J 41 -9.66 3.59 17.98
N LYS J 42 -8.87 3.02 17.08
CA LYS J 42 -8.58 3.72 15.82
C LYS J 42 -9.78 3.75 14.89
N LYS J 43 -10.74 2.82 15.05
CA LYS J 43 -11.74 2.65 14.01
C LYS J 43 -12.78 3.76 13.96
N CYS J 44 -13.59 3.91 15.01
CA CYS J 44 -14.64 4.91 14.98
C CYS J 44 -14.67 5.84 16.20
N ILE J 45 -13.93 5.51 17.25
CA ILE J 45 -13.68 6.49 18.30
C ILE J 45 -12.86 7.64 17.72
N ASN J 46 -13.41 8.84 17.72
CA ASN J 46 -12.80 9.97 17.05
C ASN J 46 -11.59 10.47 17.82
N THR J 47 -10.63 11.05 17.09
CA THR J 47 -9.47 11.65 17.73
C THR J 47 -9.76 13.06 18.24
N SER J 48 -10.74 13.75 17.66
CA SER J 48 -11.12 15.07 18.12
C SER J 48 -11.96 14.94 19.38
N TYR J 49 -11.33 15.10 20.53
CA TYR J 49 -12.02 14.91 21.80
C TYR J 49 -12.83 16.16 22.12
N SER J 50 -14.14 16.09 21.90
CA SER J 50 -15.02 17.22 22.12
C SER J 50 -15.59 17.24 23.53
N GLU J 51 -16.30 16.18 23.90
CA GLU J 51 -16.90 16.07 25.23
C GLU J 51 -16.30 14.87 25.95
N GLY J 52 -16.11 15.03 27.26
CA GLY J 52 -15.54 13.97 28.07
C GLY J 52 -16.50 12.86 28.42
N GLU J 53 -17.04 12.19 27.41
CA GLU J 53 -18.00 11.11 27.58
C GLU J 53 -17.62 9.95 26.67
N LEU J 54 -18.30 8.83 26.85
CA LEU J 54 -18.30 7.75 25.87
C LEU J 54 -19.65 7.81 25.16
N ASN J 55 -19.62 8.22 23.89
CA ASN J 55 -20.82 8.55 23.15
C ASN J 55 -21.68 7.32 22.89
N LYS J 56 -22.95 7.56 22.56
CA LYS J 56 -23.87 6.47 22.33
C LYS J 56 -23.59 5.75 21.02
N ASN J 57 -22.97 6.44 20.06
CA ASN J 57 -22.57 5.80 18.82
C ASN J 57 -21.39 4.87 19.05
N GLU J 58 -20.39 5.35 19.80
CA GLU J 58 -19.19 4.57 20.03
C GLU J 58 -19.43 3.39 20.95
N SER J 59 -20.44 3.47 21.82
CA SER J 59 -20.72 2.37 22.72
C SER J 59 -21.32 1.17 22.00
N SER J 60 -21.88 1.37 20.81
CA SER J 60 -22.30 0.27 19.96
C SER J 60 -21.24 -0.09 18.93
N CYS J 61 -20.46 0.93 18.49
CA CYS J 61 -19.26 0.70 17.70
C CYS J 61 -18.33 -0.31 18.35
N LEU J 62 -18.14 -0.21 19.65
CA LEU J 62 -17.22 -1.11 20.32
C LEU J 62 -17.77 -2.53 20.40
N ASP J 63 -19.08 -2.67 20.57
CA ASP J 63 -19.71 -3.98 20.58
C ASP J 63 -19.52 -4.67 19.24
N ARG J 64 -19.88 -3.95 18.17
CA ARG J 64 -19.75 -4.49 16.82
C ARG J 64 -18.29 -4.67 16.43
N CYS J 65 -17.38 -3.86 16.99
CA CYS J 65 -15.98 -3.96 16.65
C CYS J 65 -15.32 -5.17 17.30
N VAL J 66 -15.63 -5.46 18.56
CA VAL J 66 -15.07 -6.66 19.17
C VAL J 66 -15.70 -7.91 18.56
N ALA J 67 -16.98 -7.84 18.19
CA ALA J 67 -17.62 -8.98 17.50
C ALA J 67 -16.98 -9.23 16.15
N LYS J 68 -16.74 -8.18 15.36
CA LYS J 68 -16.12 -8.34 14.06
C LYS J 68 -14.67 -8.75 14.16
N TYR J 69 -13.97 -8.31 15.21
CA TYR J 69 -12.58 -8.73 15.37
C TYR J 69 -12.49 -10.20 15.75
N PHE J 70 -13.41 -10.68 16.57
CA PHE J 70 -13.39 -12.10 16.90
C PHE J 70 -13.80 -12.96 15.71
N GLU J 71 -14.75 -12.49 14.91
CA GLU J 71 -15.07 -13.22 13.68
C GLU J 71 -13.92 -13.19 12.68
N THR J 72 -13.17 -12.08 12.63
CA THR J 72 -11.99 -11.98 11.78
C THR J 72 -10.90 -12.95 12.22
N ASN J 73 -10.64 -13.02 13.53
CA ASN J 73 -9.64 -13.95 14.04
C ASN J 73 -10.04 -15.41 13.80
N VAL J 74 -11.35 -15.71 13.91
CA VAL J 74 -11.81 -17.06 13.65
C VAL J 74 -11.69 -17.41 12.17
N GLN J 75 -12.02 -16.46 11.29
CA GLN J 75 -11.95 -16.70 9.85
C GLN J 75 -10.51 -16.89 9.38
N VAL J 76 -9.59 -16.08 9.89
CA VAL J 76 -8.19 -16.25 9.52
C VAL J 76 -7.62 -17.51 10.14
N GLY J 77 -8.07 -17.89 11.34
CA GLY J 77 -7.66 -19.16 11.91
C GLY J 77 -8.18 -20.37 11.17
N GLU J 78 -9.30 -20.23 10.44
CA GLU J 78 -9.74 -21.30 9.55
C GLU J 78 -8.97 -21.29 8.24
N ASN J 79 -8.65 -20.10 7.71
CA ASN J 79 -7.91 -20.02 6.45
C ASN J 79 -6.47 -20.48 6.59
N MET J 80 -5.86 -20.34 7.78
CA MET J 80 -4.56 -20.96 8.00
C MET J 80 -4.65 -22.47 8.03
N GLN J 81 -5.71 -23.01 8.62
CA GLN J 81 -5.85 -24.45 8.76
C GLN J 81 -6.39 -25.12 7.51
N LYS J 82 -6.86 -24.34 6.53
CA LYS J 82 -7.13 -24.90 5.21
C LYS J 82 -5.85 -25.39 4.55
N MET J 83 -4.81 -24.55 4.58
CA MET J 83 -3.52 -24.94 4.03
C MET J 83 -2.75 -25.78 5.04
N GLY J 84 -1.63 -26.33 4.58
CA GLY J 84 -0.83 -27.20 5.43
C GLY J 84 0.09 -26.47 6.38
N GLN J 85 -0.49 -25.82 7.39
CA GLN J 85 0.29 -25.09 8.39
C GLN J 85 -0.54 -25.03 9.67
N SER J 86 -0.14 -24.16 10.59
CA SER J 86 -0.88 -23.96 11.83
C SER J 86 -0.95 -22.49 12.20
#